data_5YIY
#
_entry.id   5YIY
#
_cell.length_a   78.678
_cell.length_b   78.678
_cell.length_c   251.475
_cell.angle_alpha   90.00
_cell.angle_beta   90.00
_cell.angle_gamma   90.00
#
_symmetry.space_group_name_H-M   'P 43 21 2'
#
loop_
_entity.id
_entity.type
_entity.pdbx_description
1 polymer 'CoA transferase'
2 non-polymer 'CHLORIDE ION'
3 water water
#
_entity_poly.entity_id   1
_entity_poly.type   'polypeptide(L)'
_entity_poly.pdbx_seq_one_letter_code
;MPTSNPAKPLDGFRVLDFTQNVAGPLAGQVLVDLGAEVIKVEAPGGEAARQITSVLPGRPPLATYFLPNNRGKKSVTVDL
TTEQAKQQMLRLADTADVVLEAFRPGTMEKLGLGPDDLRSRNPNLIYARLTAYGGNGPHGSRPGIDLVVAAEAGMTTGMP
TPEGKPQIIPFQLVANASGHVLAQAVLAALLHRERNGVADVVQVAMYDVAVGLQANQLMMHLNRAASDQPKPEPAPKAKR
RKGVGFATQPSDAFRTADGYIVISAYVPKHWQKLCYLIGRPDLVEDQRFAEQRSRSINYAELTAELELALASKTATEWVQ
LLQANGLMACLAHTWKQVVDTPLFAENDLTLEVGRGADTITVIRTPARYASFRAVVTDPPPTAGEHNAVFLARP
;
_entity_poly.pdbx_strand_id   A,B
#
loop_
_chem_comp.id
_chem_comp.type
_chem_comp.name
_chem_comp.formula
CL non-polymer 'CHLORIDE ION' 'Cl -1'
#
# COMPACT_ATOMS: atom_id res chain seq x y z
N ASN A 5 24.60 11.07 15.97
CA ASN A 5 23.55 10.81 15.01
C ASN A 5 24.14 10.40 13.69
N PRO A 6 23.85 9.20 13.25
CA PRO A 6 24.34 8.70 11.99
C PRO A 6 23.64 9.34 10.84
N ALA A 7 24.29 9.34 9.71
CA ALA A 7 23.75 9.93 8.52
C ALA A 7 22.52 9.22 7.98
N LYS A 8 21.67 9.96 7.29
CA LYS A 8 20.47 9.43 6.70
C LYS A 8 20.45 9.76 5.22
N PRO A 9 19.73 8.98 4.46
CA PRO A 9 19.74 9.09 3.01
C PRO A 9 19.40 10.43 2.47
N LEU A 10 18.52 11.17 3.10
CA LEU A 10 18.13 12.46 2.60
C LEU A 10 18.67 13.67 3.32
N ASP A 11 19.71 13.50 4.11
CA ASP A 11 20.28 14.63 4.82
C ASP A 11 20.74 15.67 3.82
N GLY A 12 20.32 16.91 4.03
CA GLY A 12 20.62 18.02 3.17
C GLY A 12 19.64 18.37 2.09
N PHE A 13 18.64 17.54 1.90
CA PHE A 13 17.62 17.77 0.90
C PHE A 13 16.48 18.57 1.49
N ARG A 14 15.84 19.38 0.70
CA ARG A 14 14.76 20.16 1.20
C ARG A 14 13.53 19.83 0.41
N VAL A 15 12.40 19.70 1.07
CA VAL A 15 11.13 19.36 0.45
C VAL A 15 10.10 20.43 0.80
N LEU A 16 9.32 20.87 -0.19
CA LEU A 16 8.17 21.76 0.02
C LEU A 16 6.91 20.93 -0.09
N ASP A 17 6.19 20.80 1.03
CA ASP A 17 5.03 19.95 1.13
C ASP A 17 3.78 20.83 1.09
N PHE A 18 3.11 20.83 -0.07
CA PHE A 18 1.85 21.54 -0.27
C PHE A 18 0.65 20.67 0.02
N THR A 19 0.88 19.43 0.43
CA THR A 19 -0.19 18.43 0.54
C THR A 19 -1.03 18.56 1.81
N GLN A 20 -2.24 18.01 1.76
CA GLN A 20 -3.13 18.00 2.92
C GLN A 20 -3.63 16.59 3.22
N ASN A 21 -4.28 16.45 4.36
CA ASN A 21 -4.89 15.18 4.79
C ASN A 21 -3.90 14.05 5.03
N VAL A 22 -4.08 12.93 4.33
CA VAL A 22 -3.35 11.71 4.65
C VAL A 22 -2.28 11.30 3.63
N ALA A 23 -2.69 11.10 2.38
CA ALA A 23 -1.83 10.48 1.37
C ALA A 23 -0.55 11.28 1.11
N GLY A 24 -0.72 12.56 0.81
CA GLY A 24 0.42 13.45 0.56
C GLY A 24 1.35 13.66 1.74
N PRO A 25 0.80 14.04 2.91
CA PRO A 25 1.63 14.24 4.10
C PRO A 25 2.38 12.98 4.56
N LEU A 26 1.80 11.81 4.35
CA LEU A 26 2.45 10.56 4.72
C LEU A 26 3.74 10.37 3.94
N ALA A 27 3.72 10.74 2.65
CA ALA A 27 4.90 10.68 1.81
C ALA A 27 5.98 11.62 2.37
N GLY A 28 5.54 12.81 2.79
CA GLY A 28 6.43 13.77 3.42
C GLY A 28 6.97 13.22 4.73
N GLN A 29 6.11 12.52 5.45
CA GLN A 29 6.49 11.90 6.71
C GLN A 29 7.59 10.86 6.50
N VAL A 30 7.49 10.12 5.40
CA VAL A 30 8.51 9.14 5.03
C VAL A 30 9.84 9.84 4.75
N LEU A 31 9.77 10.94 4.02
CA LEU A 31 10.96 11.71 3.69
C LEU A 31 11.60 12.32 4.94
N VAL A 32 10.76 12.71 5.89
CA VAL A 32 11.24 13.24 7.17
C VAL A 32 12.01 12.17 7.92
N ASP A 33 11.46 10.97 7.97
CA ASP A 33 12.08 9.85 8.65
C ASP A 33 13.40 9.46 7.99
N LEU A 34 13.50 9.72 6.69
CA LEU A 34 14.72 9.43 5.94
C LEU A 34 15.71 10.59 6.00
N GLY A 35 15.39 11.63 6.78
CA GLY A 35 16.33 12.69 7.07
C GLY A 35 16.16 13.98 6.29
N ALA A 36 15.16 14.05 5.42
CA ALA A 36 14.94 15.24 4.62
C ALA A 36 14.30 16.37 5.42
N GLU A 37 14.61 17.60 5.05
CA GLU A 37 13.94 18.77 5.62
C GLU A 37 12.66 19.05 4.85
N VAL A 38 11.52 18.87 5.50
CA VAL A 38 10.23 19.03 4.83
C VAL A 38 9.45 20.22 5.40
N ILE A 39 9.12 21.17 4.53
CA ILE A 39 8.41 22.37 4.94
C ILE A 39 6.97 22.34 4.44
N LYS A 40 6.03 22.37 5.38
CA LYS A 40 4.62 22.42 5.04
C LYS A 40 4.22 23.82 4.56
N VAL A 41 3.44 23.87 3.49
CA VAL A 41 2.85 25.13 3.05
C VAL A 41 1.35 25.06 3.29
N GLU A 42 0.87 25.85 4.25
CA GLU A 42 -0.52 25.77 4.68
C GLU A 42 -1.27 27.08 4.46
N ALA A 43 -2.60 26.98 4.45
CA ALA A 43 -3.46 28.14 4.35
C ALA A 43 -3.54 28.83 5.71
N PRO A 44 -3.94 30.11 5.74
CA PRO A 44 -4.09 30.82 7.02
C PRO A 44 -4.99 30.06 7.99
N GLY A 45 -4.53 29.89 9.22
CA GLY A 45 -5.25 29.10 10.20
C GLY A 45 -4.75 27.66 10.20
N GLY A 46 -3.91 27.33 9.23
CA GLY A 46 -3.30 26.02 9.15
C GLY A 46 -4.08 25.02 8.33
N GLU A 47 -3.53 23.82 8.21
CA GLU A 47 -4.17 22.73 7.49
C GLU A 47 -5.53 22.39 8.12
N ALA A 48 -6.48 21.97 7.29
CA ALA A 48 -7.83 21.68 7.77
C ALA A 48 -7.88 20.40 8.61
N ALA A 49 -6.93 19.51 8.35
CA ALA A 49 -6.89 18.22 9.04
C ALA A 49 -6.40 18.36 10.49
N ARG A 50 -5.88 19.54 10.82
CA ARG A 50 -5.39 19.80 12.16
C ARG A 50 -6.53 19.90 13.17
N GLN A 51 -7.75 20.09 12.66
CA GLN A 51 -8.90 20.33 13.50
C GLN A 51 -9.76 19.07 13.71
N ILE A 52 -9.53 18.05 12.89
CA ILE A 52 -10.24 16.80 13.05
C ILE A 52 -9.64 16.00 14.21
N THR A 53 -10.17 16.25 15.41
CA THR A 53 -9.62 15.65 16.62
C THR A 53 -10.62 14.74 17.33
N SER A 54 -10.13 13.98 18.31
CA SER A 54 -10.98 13.14 19.14
C SER A 54 -10.99 13.65 20.58
N VAL A 55 -11.77 12.99 21.43
CA VAL A 55 -11.89 13.42 22.82
C VAL A 55 -10.97 12.61 23.74
N LEU A 56 -10.35 13.30 24.70
CA LEU A 56 -9.46 12.67 25.65
C LEU A 56 -10.24 12.02 26.79
N PRO A 61 -8.18 14.96 22.31
CA PRO A 61 -7.44 16.01 21.62
C PRO A 61 -6.38 15.42 20.70
N LEU A 62 -6.78 14.44 19.89
CA LEU A 62 -5.85 13.77 18.99
C LEU A 62 -6.27 13.93 17.53
N ALA A 63 -5.51 14.73 16.79
CA ALA A 63 -5.73 14.86 15.35
C ALA A 63 -5.35 13.57 14.66
N THR A 64 -6.36 12.76 14.36
CA THR A 64 -6.16 11.40 13.85
C THR A 64 -5.41 11.34 12.52
N TYR A 65 -5.70 12.30 11.64
CA TYR A 65 -5.15 12.26 10.29
C TYR A 65 -3.96 13.21 10.09
N PHE A 66 -3.78 14.13 11.03
CA PHE A 66 -2.71 15.12 10.90
C PHE A 66 -1.45 14.71 11.67
N LEU A 67 -1.63 14.42 12.95
CA LEU A 67 -0.51 14.13 13.85
C LEU A 67 0.44 13.00 13.39
N PRO A 68 -0.10 11.85 12.97
CA PRO A 68 0.85 10.77 12.65
C PRO A 68 1.60 10.95 11.32
N ASN A 69 1.26 11.98 10.56
CA ASN A 69 1.86 12.17 9.24
C ASN A 69 2.62 13.47 9.08
N ASN A 70 2.82 14.20 10.17
CA ASN A 70 3.49 15.50 10.11
C ASN A 70 4.51 15.70 11.22
N ARG A 71 5.06 14.60 11.72
CA ARG A 71 6.10 14.67 12.75
C ARG A 71 7.41 15.21 12.18
N GLY A 72 8.02 16.15 12.89
CA GLY A 72 9.32 16.67 12.52
C GLY A 72 9.32 17.62 11.33
N LYS A 73 8.14 17.94 10.82
CA LYS A 73 8.02 18.85 9.69
C LYS A 73 8.09 20.32 10.15
N LYS A 74 8.23 21.22 9.18
CA LYS A 74 8.19 22.65 9.46
C LYS A 74 7.00 23.26 8.73
N SER A 75 6.45 24.33 9.28
CA SER A 75 5.20 24.88 8.74
C SER A 75 5.33 26.33 8.28
N VAL A 76 4.68 26.62 7.16
CA VAL A 76 4.61 27.98 6.63
C VAL A 76 3.18 28.34 6.27
N THR A 77 2.65 29.38 6.90
CA THR A 77 1.29 29.83 6.64
C THR A 77 1.29 30.92 5.58
N VAL A 78 0.40 30.79 4.59
CA VAL A 78 0.40 31.69 3.44
C VAL A 78 -0.90 31.59 2.65
N ASP A 79 -1.30 32.70 2.01
CA ASP A 79 -2.52 32.74 1.21
C ASP A 79 -2.19 32.74 -0.28
N LEU A 80 -2.11 31.53 -0.86
CA LEU A 80 -1.61 31.33 -2.22
C LEU A 80 -2.33 32.13 -3.32
N THR A 81 -3.46 32.74 -3.00
CA THR A 81 -4.21 33.52 -3.98
C THR A 81 -3.55 34.88 -4.22
N THR A 82 -2.87 35.39 -3.21
CA THR A 82 -2.25 36.71 -3.31
C THR A 82 -0.92 36.65 -4.07
N GLU A 83 -0.54 37.77 -4.67
CA GLU A 83 0.67 37.83 -5.48
C GLU A 83 1.92 37.78 -4.62
N GLN A 84 1.84 38.36 -3.42
CA GLN A 84 2.94 38.31 -2.46
C GLN A 84 3.27 36.85 -2.12
N ALA A 85 2.22 36.08 -1.88
CA ALA A 85 2.36 34.68 -1.50
C ALA A 85 3.04 33.85 -2.59
N LYS A 86 2.61 34.07 -3.84
CA LYS A 86 3.18 33.36 -4.97
C LYS A 86 4.67 33.65 -5.11
N GLN A 87 5.04 34.90 -4.87
CA GLN A 87 6.44 35.32 -5.01
C GLN A 87 7.32 34.70 -3.92
N GLN A 88 6.78 34.61 -2.71
CA GLN A 88 7.49 33.97 -1.61
C GLN A 88 7.71 32.49 -1.89
N MET A 89 6.70 31.84 -2.46
CA MET A 89 6.79 30.43 -2.82
C MET A 89 7.83 30.21 -3.92
N LEU A 90 7.90 31.14 -4.87
CA LEU A 90 8.88 31.07 -5.95
C LEU A 90 10.31 31.14 -5.41
N ARG A 91 10.54 32.02 -4.45
CA ARG A 91 11.84 32.13 -3.82
C ARG A 91 12.15 30.90 -2.97
N LEU A 92 11.13 30.39 -2.29
CA LEU A 92 11.28 29.22 -1.44
C LEU A 92 11.55 27.97 -2.27
N ALA A 93 10.91 27.90 -3.44
CA ALA A 93 11.09 26.77 -4.34
C ALA A 93 12.52 26.71 -4.90
N ASP A 94 13.15 27.88 -5.02
CA ASP A 94 14.52 27.96 -5.53
C ASP A 94 15.51 27.19 -4.65
N THR A 95 15.18 27.03 -3.38
CA THR A 95 16.06 26.36 -2.44
C THR A 95 15.62 24.93 -2.16
N ALA A 96 14.61 24.47 -2.88
CA ALA A 96 14.03 23.15 -2.64
C ALA A 96 14.57 22.11 -3.62
N ASP A 97 14.68 20.87 -3.16
CA ASP A 97 15.08 19.76 -4.01
C ASP A 97 13.86 19.06 -4.59
N VAL A 98 12.80 18.99 -3.79
CA VAL A 98 11.57 18.31 -4.17
C VAL A 98 10.35 19.14 -3.79
N VAL A 99 9.37 19.20 -4.69
CA VAL A 99 8.10 19.85 -4.39
C VAL A 99 6.97 18.82 -4.39
N LEU A 100 6.24 18.75 -3.29
CA LEU A 100 5.12 17.83 -3.16
C LEU A 100 3.80 18.59 -3.22
N GLU A 101 2.92 18.18 -4.12
CA GLU A 101 1.61 18.80 -4.24
C GLU A 101 0.51 17.77 -4.43
N ALA A 102 -0.61 17.95 -3.74
CA ALA A 102 -1.72 17.03 -3.82
C ALA A 102 -3.04 17.75 -4.09
N PHE A 103 -2.98 18.86 -4.83
CA PHE A 103 -4.19 19.59 -5.17
C PHE A 103 -4.92 18.97 -6.36
N ARG A 104 -6.12 19.50 -6.61
CA ARG A 104 -6.92 19.16 -7.77
C ARG A 104 -6.11 19.45 -9.04
N PRO A 105 -6.26 18.61 -10.08
CA PRO A 105 -5.52 18.85 -11.33
C PRO A 105 -5.75 20.23 -11.91
N GLY A 106 -4.65 20.94 -12.22
CA GLY A 106 -4.74 22.26 -12.82
C GLY A 106 -4.72 23.39 -11.80
N THR A 107 -4.74 23.05 -10.52
CA THR A 107 -4.78 24.05 -9.46
C THR A 107 -3.48 24.87 -9.38
N MET A 108 -2.35 24.19 -9.38
CA MET A 108 -1.05 24.85 -9.26
C MET A 108 -0.76 25.74 -10.45
N GLU A 109 -1.21 25.31 -11.63
CA GLU A 109 -1.03 26.08 -12.85
C GLU A 109 -1.78 27.41 -12.74
N LYS A 110 -2.96 27.38 -12.13
CA LYS A 110 -3.75 28.57 -11.91
C LYS A 110 -3.07 29.53 -10.95
N LEU A 111 -2.33 28.97 -9.99
CA LEU A 111 -1.64 29.78 -8.98
C LEU A 111 -0.28 30.25 -9.48
N GLY A 112 0.11 29.81 -10.66
CA GLY A 112 1.40 30.17 -11.22
C GLY A 112 2.54 29.40 -10.57
N LEU A 113 2.21 28.28 -9.94
CA LEU A 113 3.19 27.46 -9.26
C LEU A 113 3.24 26.05 -9.84
N GLY A 114 2.92 25.93 -11.12
CA GLY A 114 2.93 24.63 -11.80
C GLY A 114 4.34 24.15 -12.06
N PRO A 115 4.47 22.95 -12.66
CA PRO A 115 5.77 22.33 -12.95
C PRO A 115 6.66 23.23 -13.80
N ASP A 116 6.11 23.77 -14.88
CA ASP A 116 6.87 24.63 -15.78
C ASP A 116 7.32 25.92 -15.10
N ASP A 117 6.45 26.46 -14.25
CA ASP A 117 6.75 27.71 -13.54
C ASP A 117 7.95 27.56 -12.61
N LEU A 118 7.92 26.51 -11.79
CA LEU A 118 8.96 26.30 -10.80
C LEU A 118 10.26 25.75 -11.40
N ARG A 119 10.14 24.79 -12.31
CA ARG A 119 11.33 24.13 -12.85
C ARG A 119 12.10 25.05 -13.80
N SER A 120 11.43 26.03 -14.38
CA SER A 120 12.10 27.02 -15.22
C SER A 120 13.07 27.85 -14.40
N ARG A 121 12.65 28.25 -13.20
CA ARG A 121 13.49 29.00 -12.29
C ARG A 121 14.53 28.09 -11.64
N ASN A 122 14.10 26.88 -11.26
CA ASN A 122 14.99 25.90 -10.63
C ASN A 122 15.08 24.64 -11.47
N PRO A 123 16.25 24.39 -12.09
CA PRO A 123 16.41 23.24 -12.97
C PRO A 123 16.74 21.94 -12.24
N ASN A 124 16.97 22.02 -10.94
CA ASN A 124 17.26 20.84 -10.14
C ASN A 124 16.05 20.35 -9.36
N LEU A 125 14.93 21.04 -9.51
CA LEU A 125 13.75 20.77 -8.71
C LEU A 125 12.95 19.58 -9.24
N ILE A 126 12.66 18.64 -8.36
CA ILE A 126 11.80 17.51 -8.69
C ILE A 126 10.36 17.84 -8.31
N TYR A 127 9.46 17.72 -9.27
CA TYR A 127 8.07 18.11 -9.08
C TYR A 127 7.18 16.88 -8.93
N ALA A 128 6.59 16.72 -7.75
CA ALA A 128 5.78 15.53 -7.47
C ALA A 128 4.31 15.88 -7.32
N ARG A 129 3.47 15.25 -8.14
CA ARG A 129 2.04 15.53 -8.12
C ARG A 129 1.24 14.28 -7.73
N LEU A 130 0.43 14.41 -6.70
CA LEU A 130 -0.45 13.33 -6.25
C LEU A 130 -1.90 13.75 -6.43
N THR A 131 -2.64 13.00 -7.25
CA THR A 131 -4.04 13.31 -7.50
C THR A 131 -4.92 12.10 -7.22
N ALA A 132 -6.22 12.33 -7.17
CA ALA A 132 -7.18 11.26 -6.93
C ALA A 132 -7.31 10.32 -8.12
N TYR A 133 -7.45 10.88 -9.33
CA TYR A 133 -7.76 10.09 -10.50
C TYR A 133 -6.77 10.25 -11.65
N GLY A 134 -5.71 11.03 -11.43
CA GLY A 134 -4.64 11.14 -12.40
C GLY A 134 -4.58 12.45 -13.17
N GLY A 135 -5.74 13.03 -13.46
CA GLY A 135 -5.82 14.26 -14.21
C GLY A 135 -5.23 14.16 -15.61
N ASN A 136 -5.42 12.99 -16.24
CA ASN A 136 -4.92 12.77 -17.59
C ASN A 136 -5.97 13.14 -18.63
N GLY A 137 -7.12 13.60 -18.16
CA GLY A 137 -8.23 13.97 -19.02
C GLY A 137 -9.42 14.47 -18.22
N PRO A 138 -10.56 14.66 -18.89
CA PRO A 138 -11.78 15.17 -18.26
C PRO A 138 -12.29 14.27 -17.14
N HIS A 139 -12.19 12.95 -17.32
CA HIS A 139 -12.70 11.99 -16.35
C HIS A 139 -11.85 11.97 -15.07
N GLY A 140 -10.58 12.31 -15.19
CA GLY A 140 -9.66 12.26 -14.07
C GLY A 140 -9.43 13.59 -13.38
N SER A 141 -10.23 14.59 -13.72
CA SER A 141 -10.02 15.95 -13.21
C SER A 141 -10.66 16.19 -11.83
N ARG A 142 -11.58 15.32 -11.44
CA ARG A 142 -12.33 15.49 -10.21
C ARG A 142 -11.46 15.36 -8.96
N PRO A 143 -11.85 16.05 -7.88
CA PRO A 143 -11.22 15.85 -6.56
C PRO A 143 -11.70 14.54 -5.94
N GLY A 144 -10.89 13.95 -5.06
CA GLY A 144 -11.26 12.69 -4.46
C GLY A 144 -10.64 12.45 -3.10
N ILE A 145 -11.20 11.48 -2.38
CA ILE A 145 -10.72 11.11 -1.06
C ILE A 145 -10.60 9.59 -1.02
N ASP A 146 -9.95 9.06 0.02
CA ASP A 146 -9.66 7.64 0.13
C ASP A 146 -10.90 6.75 -0.08
N LEU A 147 -12.00 7.13 0.53
CA LEU A 147 -13.24 6.36 0.45
C LEU A 147 -13.81 6.32 -0.97
N VAL A 148 -13.96 7.48 -1.57
CA VAL A 148 -14.59 7.59 -2.89
C VAL A 148 -13.75 6.94 -3.98
N VAL A 149 -12.43 7.16 -3.91
CA VAL A 149 -11.51 6.59 -4.89
C VAL A 149 -11.50 5.06 -4.82
N ALA A 150 -11.52 4.54 -3.58
CA ALA A 150 -11.51 3.09 -3.37
C ALA A 150 -12.77 2.43 -3.93
N ALA A 151 -13.92 3.05 -3.67
CA ALA A 151 -15.19 2.51 -4.13
C ALA A 151 -15.28 2.52 -5.65
N GLU A 152 -14.79 3.60 -6.26
CA GLU A 152 -14.81 3.74 -7.71
C GLU A 152 -13.81 2.78 -8.37
N ALA A 153 -12.78 2.40 -7.63
CA ALA A 153 -11.76 1.49 -8.15
C ALA A 153 -12.19 0.02 -8.03
N GLY A 154 -13.34 -0.21 -7.42
CA GLY A 154 -13.91 -1.54 -7.34
C GLY A 154 -13.59 -2.33 -6.09
N MET A 155 -13.14 -1.63 -5.04
CA MET A 155 -12.71 -2.29 -3.81
C MET A 155 -13.85 -2.84 -2.96
N THR A 156 -15.09 -2.54 -3.32
CA THR A 156 -16.24 -3.06 -2.58
C THR A 156 -16.70 -4.40 -3.12
N THR A 157 -16.07 -4.85 -4.20
CA THR A 157 -16.46 -6.08 -4.89
C THR A 157 -16.28 -7.33 -4.05
N GLY A 158 -17.29 -8.19 -4.05
CA GLY A 158 -17.18 -9.52 -3.45
C GLY A 158 -17.33 -9.60 -1.94
N MET A 159 -17.70 -8.49 -1.31
CA MET A 159 -17.89 -8.48 0.14
C MET A 159 -19.35 -8.18 0.52
N PRO A 160 -20.06 -9.21 1.00
CA PRO A 160 -21.47 -9.07 1.39
C PRO A 160 -21.65 -8.42 2.75
N THR A 161 -22.69 -7.59 2.86
CA THR A 161 -23.03 -6.93 4.13
C THR A 161 -24.45 -7.28 4.54
N PRO A 162 -24.75 -7.18 5.85
CA PRO A 162 -26.12 -7.46 6.32
C PRO A 162 -27.16 -6.52 5.71
N GLU A 163 -26.82 -5.25 5.55
CA GLU A 163 -27.77 -4.27 5.01
C GLU A 163 -27.89 -4.39 3.49
N GLY A 164 -26.94 -5.10 2.88
CA GLY A 164 -26.92 -5.25 1.43
C GLY A 164 -26.21 -4.10 0.76
N LYS A 165 -25.71 -3.17 1.57
CA LYS A 165 -24.97 -2.02 1.07
C LYS A 165 -23.54 -2.43 0.75
N PRO A 166 -22.89 -1.72 -0.19
CA PRO A 166 -21.49 -2.04 -0.52
C PRO A 166 -20.59 -1.95 0.71
N GLN A 167 -19.70 -2.93 0.86
CA GLN A 167 -18.80 -2.97 2.01
C GLN A 167 -17.76 -1.87 1.96
N ILE A 168 -17.76 -1.04 2.99
CA ILE A 168 -16.79 0.04 3.11
C ILE A 168 -15.66 -0.36 4.06
N ILE A 169 -14.46 -0.47 3.52
CA ILE A 169 -13.28 -0.80 4.32
C ILE A 169 -12.98 0.37 5.26
N PRO A 170 -13.01 0.11 6.57
CA PRO A 170 -13.00 1.16 7.59
C PRO A 170 -11.62 1.75 7.91
N PHE A 171 -10.65 1.57 7.02
CA PHE A 171 -9.39 2.29 7.16
C PHE A 171 -8.92 2.84 5.81
N GLN A 172 -8.02 3.82 5.86
CA GLN A 172 -7.57 4.51 4.66
C GLN A 172 -6.48 3.72 3.93
N LEU A 173 -6.86 2.60 3.35
CA LEU A 173 -5.91 1.72 2.66
C LEU A 173 -5.30 2.40 1.43
N VAL A 174 -6.13 3.07 0.64
CA VAL A 174 -5.68 3.68 -0.60
C VAL A 174 -4.76 4.89 -0.33
N ALA A 175 -5.15 5.71 0.63
CA ALA A 175 -4.38 6.91 0.96
C ALA A 175 -3.02 6.55 1.52
N ASN A 176 -2.98 5.58 2.42
N ASN A 176 -2.98 5.57 2.42
CA ASN A 176 -1.73 5.15 3.04
CA ASN A 176 -1.75 5.13 3.04
C ASN A 176 -0.81 4.46 2.04
C ASN A 176 -0.81 4.45 2.04
N ALA A 177 -1.39 3.65 1.16
CA ALA A 177 -0.62 2.97 0.12
C ALA A 177 -0.07 3.97 -0.90
N SER A 178 -0.89 4.95 -1.25
CA SER A 178 -0.50 5.98 -2.21
C SER A 178 0.66 6.82 -1.67
N GLY A 179 0.66 7.05 -0.36
CA GLY A 179 1.71 7.81 0.29
C GLY A 179 3.07 7.16 0.13
N HIS A 180 3.10 5.84 0.32
CA HIS A 180 4.34 5.09 0.19
C HIS A 180 4.78 5.00 -1.28
N VAL A 181 3.81 4.91 -2.18
CA VAL A 181 4.10 4.88 -3.61
C VAL A 181 4.66 6.22 -4.07
N LEU A 182 4.09 7.31 -3.56
CA LEU A 182 4.56 8.64 -3.89
C LEU A 182 5.98 8.86 -3.36
N ALA A 183 6.23 8.42 -2.14
CA ALA A 183 7.56 8.49 -1.55
C ALA A 183 8.53 7.63 -2.35
N GLN A 184 8.05 6.49 -2.82
CA GLN A 184 8.83 5.59 -3.66
C GLN A 184 9.27 6.28 -4.95
N ALA A 185 8.34 6.98 -5.58
CA ALA A 185 8.62 7.70 -6.83
C ALA A 185 9.60 8.86 -6.60
N VAL A 186 9.45 9.55 -5.47
CA VAL A 186 10.34 10.65 -5.13
C VAL A 186 11.76 10.17 -4.92
N LEU A 187 11.91 9.06 -4.19
CA LEU A 187 13.23 8.48 -3.96
C LEU A 187 13.85 8.01 -5.27
N ALA A 188 13.02 7.49 -6.16
CA ALA A 188 13.47 7.08 -7.48
C ALA A 188 13.95 8.29 -8.28
N ALA A 189 13.20 9.38 -8.17
CA ALA A 189 13.54 10.62 -8.87
C ALA A 189 14.84 11.21 -8.36
N LEU A 190 15.06 11.12 -7.06
CA LEU A 190 16.30 11.62 -6.45
C LEU A 190 17.49 10.80 -6.91
N LEU A 191 17.31 9.48 -7.04
CA LEU A 191 18.33 8.60 -7.59
C LEU A 191 18.59 8.95 -9.05
N HIS A 192 17.52 9.24 -9.77
CA HIS A 192 17.61 9.62 -11.18
C HIS A 192 18.41 10.89 -11.36
N ARG A 193 18.21 11.85 -10.46
CA ARG A 193 18.94 13.11 -10.49
C ARG A 193 20.41 12.93 -10.16
N GLU A 194 20.70 12.10 -9.16
CA GLU A 194 22.07 11.86 -8.73
C GLU A 194 22.88 11.14 -9.81
N ARG A 195 22.30 10.12 -10.41
CA ARG A 195 23.01 9.26 -11.35
C ARG A 195 22.98 9.78 -12.79
N ASN A 196 21.83 10.30 -13.22
CA ASN A 196 21.68 10.71 -14.61
C ASN A 196 21.53 12.21 -14.80
N GLY A 197 21.58 12.96 -13.70
CA GLY A 197 21.49 14.42 -13.76
C GLY A 197 20.16 14.91 -14.29
N VAL A 198 19.10 14.16 -14.04
CA VAL A 198 17.78 14.53 -14.51
C VAL A 198 16.82 14.81 -13.36
N ALA A 199 16.26 16.02 -13.34
CA ALA A 199 15.25 16.36 -12.35
C ALA A 199 13.86 16.18 -12.96
N ASP A 200 13.17 15.13 -12.54
CA ASP A 200 11.97 14.68 -13.23
C ASP A 200 10.68 15.18 -12.60
N VAL A 201 9.59 15.04 -13.34
CA VAL A 201 8.25 15.26 -12.79
C VAL A 201 7.58 13.91 -12.57
N VAL A 202 7.21 13.62 -11.33
CA VAL A 202 6.62 12.33 -11.01
C VAL A 202 5.13 12.50 -10.68
N GLN A 203 4.31 11.58 -11.18
CA GLN A 203 2.88 11.65 -10.97
C GLN A 203 2.34 10.33 -10.40
N VAL A 204 1.60 10.43 -9.30
CA VAL A 204 0.97 9.28 -8.68
C VAL A 204 -0.52 9.53 -8.47
N ALA A 205 -1.34 8.62 -8.98
CA ALA A 205 -2.79 8.71 -8.81
C ALA A 205 -3.26 7.67 -7.80
N MET A 206 -4.09 8.09 -6.85
CA MET A 206 -4.64 7.17 -5.85
C MET A 206 -5.46 6.08 -6.54
N TYR A 207 -6.13 6.44 -7.63
CA TYR A 207 -6.90 5.49 -8.42
C TYR A 207 -5.99 4.42 -9.01
N ASP A 208 -4.84 4.84 -9.53
CA ASP A 208 -3.88 3.91 -10.12
C ASP A 208 -3.33 2.96 -9.07
N VAL A 209 -3.06 3.49 -7.88
CA VAL A 209 -2.57 2.68 -6.77
C VAL A 209 -3.64 1.68 -6.33
N ALA A 210 -4.87 2.15 -6.23
CA ALA A 210 -5.99 1.31 -5.84
C ALA A 210 -6.22 0.19 -6.85
N VAL A 211 -6.07 0.51 -8.13
CA VAL A 211 -6.16 -0.48 -9.19
C VAL A 211 -5.04 -1.50 -9.06
N GLY A 212 -3.84 -1.01 -8.79
CA GLY A 212 -2.68 -1.87 -8.62
C GLY A 212 -2.81 -2.83 -7.44
N LEU A 213 -3.50 -2.38 -6.40
CA LEU A 213 -3.73 -3.22 -5.22
C LEU A 213 -4.68 -4.37 -5.54
N GLN A 214 -5.49 -4.18 -6.58
CA GLN A 214 -6.44 -5.21 -7.01
C GLN A 214 -6.03 -5.81 -8.36
N ALA A 215 -4.74 -5.68 -8.69
CA ALA A 215 -4.23 -6.08 -10.00
C ALA A 215 -4.56 -7.52 -10.35
N ASN A 216 -4.40 -8.42 -9.38
CA ASN A 216 -4.66 -9.84 -9.60
C ASN A 216 -6.12 -10.13 -9.91
N GLN A 217 -7.01 -9.34 -9.32
CA GLN A 217 -8.45 -9.53 -9.49
C GLN A 217 -8.95 -8.92 -10.79
N LEU A 218 -8.54 -7.68 -11.05
CA LEU A 218 -8.94 -6.97 -12.26
C LEU A 218 -8.37 -7.63 -13.51
N MET A 219 -7.28 -8.37 -13.33
CA MET A 219 -6.57 -9.02 -14.43
C MET A 219 -7.43 -10.06 -15.12
N MET A 220 -8.28 -10.74 -14.35
CA MET A 220 -9.16 -11.76 -14.89
C MET A 220 -10.18 -11.18 -15.87
N HIS A 221 -10.67 -9.99 -15.55
CA HIS A 221 -11.66 -9.32 -16.40
C HIS A 221 -11.01 -8.63 -17.59
N LEU A 222 -9.68 -8.53 -17.56
CA LEU A 222 -8.93 -7.91 -18.65
C LEU A 222 -8.59 -8.92 -19.75
N ASN A 223 -8.65 -10.20 -19.41
CA ASN A 223 -8.30 -11.26 -20.35
C ASN A 223 -9.46 -12.21 -20.61
N ARG A 224 -10.67 -11.77 -20.31
CA ARG A 224 -11.86 -12.59 -20.51
C ARG A 224 -12.15 -12.77 -21.99
N ALA A 247 -8.80 -18.64 -6.03
CA ALA A 247 -8.38 -20.05 -5.98
C ALA A 247 -7.43 -20.30 -4.81
N THR A 248 -6.51 -21.25 -5.00
CA THR A 248 -5.56 -21.64 -3.97
C THR A 248 -6.25 -21.98 -2.65
N GLN A 249 -7.03 -23.06 -2.66
CA GLN A 249 -7.74 -23.51 -1.47
C GLN A 249 -7.04 -24.71 -0.85
N PRO A 250 -7.16 -24.88 0.48
CA PRO A 250 -7.91 -24.04 1.42
C PRO A 250 -7.17 -22.77 1.83
N SER A 251 -7.85 -21.64 1.73
CA SER A 251 -7.31 -20.36 2.16
C SER A 251 -8.46 -19.42 2.48
N ASP A 252 -8.97 -19.51 3.71
CA ASP A 252 -10.16 -18.79 4.11
C ASP A 252 -10.30 -18.75 5.63
N ALA A 253 -11.38 -18.14 6.10
CA ALA A 253 -11.73 -18.18 7.52
C ALA A 253 -12.75 -19.29 7.76
N PHE A 254 -12.49 -20.15 8.74
CA PHE A 254 -13.31 -21.33 8.95
C PHE A 254 -13.95 -21.39 10.33
N ARG A 255 -15.16 -21.93 10.37
CA ARG A 255 -15.90 -22.11 11.62
C ARG A 255 -15.34 -23.25 12.46
N THR A 256 -15.19 -23.00 13.75
CA THR A 256 -14.76 -24.02 14.70
C THR A 256 -15.81 -24.19 15.79
N ALA A 257 -15.45 -24.93 16.84
CA ALA A 257 -16.35 -25.11 17.98
C ALA A 257 -16.65 -23.76 18.64
N ASP A 258 -15.64 -22.90 18.69
CA ASP A 258 -15.80 -21.56 19.25
C ASP A 258 -14.92 -20.56 18.50
N GLY A 259 -15.55 -19.66 17.75
CA GLY A 259 -14.84 -18.65 17.01
C GLY A 259 -14.38 -19.13 15.64
N TYR A 260 -13.68 -18.26 14.93
CA TYR A 260 -13.22 -18.58 13.58
C TYR A 260 -11.70 -18.67 13.52
N ILE A 261 -11.20 -19.53 12.62
CA ILE A 261 -9.78 -19.63 12.38
C ILE A 261 -9.47 -19.32 10.91
N VAL A 262 -8.41 -18.54 10.69
CA VAL A 262 -7.98 -18.21 9.34
C VAL A 262 -6.83 -19.12 8.93
N ILE A 263 -7.06 -19.97 7.94
CA ILE A 263 -6.08 -20.96 7.55
C ILE A 263 -5.68 -20.82 6.09
N SER A 264 -4.37 -20.85 5.83
CA SER A 264 -3.86 -20.87 4.47
C SER A 264 -2.92 -22.05 4.28
N ALA A 265 -3.38 -23.06 3.55
CA ALA A 265 -2.60 -24.27 3.35
C ALA A 265 -3.00 -24.97 2.05
N TYR A 266 -2.73 -24.31 0.93
CA TYR A 266 -3.13 -24.82 -0.38
C TYR A 266 -1.97 -25.57 -1.04
N VAL A 267 -0.77 -25.29 -0.57
CA VAL A 267 0.42 -25.99 -1.04
C VAL A 267 0.32 -27.45 -0.62
N PRO A 268 0.69 -28.38 -1.53
CA PRO A 268 0.57 -29.82 -1.29
C PRO A 268 1.19 -30.26 0.03
N LYS A 269 2.32 -29.65 0.39
CA LYS A 269 2.99 -29.97 1.65
C LYS A 269 2.11 -29.56 2.83
N HIS A 270 1.59 -28.34 2.77
CA HIS A 270 0.73 -27.81 3.83
C HIS A 270 -0.64 -28.49 3.85
N TRP A 271 -1.19 -28.72 2.67
CA TRP A 271 -2.49 -29.35 2.53
C TRP A 271 -2.53 -30.76 3.13
N GLN A 272 -1.49 -31.54 2.90
CA GLN A 272 -1.42 -32.90 3.45
C GLN A 272 -1.30 -32.89 4.97
N LYS A 273 -0.41 -32.03 5.49
CA LYS A 273 -0.21 -31.93 6.93
C LYS A 273 -1.47 -31.45 7.62
N LEU A 274 -2.18 -30.53 6.97
CA LEU A 274 -3.44 -30.02 7.52
C LEU A 274 -4.46 -31.13 7.66
N CYS A 275 -4.61 -31.95 6.63
CA CYS A 275 -5.56 -33.06 6.64
C CYS A 275 -5.22 -34.07 7.72
N TYR A 276 -3.92 -34.23 7.98
CA TYR A 276 -3.46 -35.16 9.02
C TYR A 276 -3.76 -34.63 10.42
N LEU A 277 -3.50 -33.34 10.62
CA LEU A 277 -3.68 -32.71 11.93
C LEU A 277 -5.15 -32.66 12.36
N ILE A 278 -6.04 -32.53 11.39
CA ILE A 278 -7.48 -32.46 11.70
C ILE A 278 -8.12 -33.85 11.67
N GLY A 279 -7.31 -34.87 11.42
CA GLY A 279 -7.79 -36.24 11.44
C GLY A 279 -8.64 -36.62 10.23
N ARG A 280 -8.30 -36.08 9.07
CA ARG A 280 -9.02 -36.39 7.84
C ARG A 280 -8.09 -36.80 6.69
N PRO A 281 -7.48 -38.00 6.79
CA PRO A 281 -6.58 -38.49 5.74
C PRO A 281 -7.30 -38.77 4.43
N ASP A 282 -8.61 -39.00 4.50
CA ASP A 282 -9.42 -39.32 3.33
C ASP A 282 -9.43 -38.18 2.30
N LEU A 283 -9.35 -36.96 2.79
CA LEU A 283 -9.41 -35.77 1.92
C LEU A 283 -8.23 -35.65 0.96
N VAL A 284 -7.09 -36.20 1.34
CA VAL A 284 -5.87 -36.08 0.55
C VAL A 284 -5.96 -36.67 -0.86
N GLU A 285 -6.47 -37.89 -0.97
CA GLU A 285 -6.57 -38.53 -2.28
C GLU A 285 -8.00 -38.54 -2.78
N ASP A 286 -8.87 -37.82 -2.08
CA ASP A 286 -10.26 -37.67 -2.49
C ASP A 286 -10.28 -36.92 -3.81
N GLN A 287 -10.97 -37.48 -4.80
CA GLN A 287 -10.97 -36.93 -6.16
C GLN A 287 -11.45 -35.49 -6.20
N ARG A 288 -12.33 -35.15 -5.26
CA ARG A 288 -12.88 -33.81 -5.15
C ARG A 288 -11.82 -32.80 -4.72
N PHE A 289 -10.91 -33.22 -3.84
CA PHE A 289 -9.92 -32.30 -3.26
C PHE A 289 -8.46 -32.73 -3.47
N ALA A 290 -8.25 -33.77 -4.28
CA ALA A 290 -6.90 -34.29 -4.50
C ALA A 290 -5.98 -33.25 -5.12
N GLU A 291 -6.37 -32.74 -6.28
CA GLU A 291 -5.57 -31.74 -6.98
C GLU A 291 -5.84 -30.35 -6.40
N GLN A 292 -4.90 -29.43 -6.65
CA GLN A 292 -5.03 -28.06 -6.17
C GLN A 292 -6.13 -27.33 -6.93
N ARG A 293 -6.21 -27.58 -8.23
CA ARG A 293 -7.25 -26.97 -9.06
C ARG A 293 -8.64 -27.47 -8.68
N SER A 294 -8.71 -28.73 -8.24
CA SER A 294 -9.97 -29.33 -7.83
C SER A 294 -10.46 -28.70 -6.53
N ARG A 295 -9.53 -28.39 -5.65
CA ARG A 295 -9.83 -27.73 -4.38
C ARG A 295 -10.35 -26.31 -4.59
N SER A 296 -9.89 -25.67 -5.66
CA SER A 296 -10.34 -24.33 -6.01
C SER A 296 -11.77 -24.36 -6.54
N ILE A 297 -12.05 -25.32 -7.40
CA ILE A 297 -13.38 -25.44 -8.00
C ILE A 297 -14.41 -25.92 -6.98
N ASN A 298 -14.01 -26.87 -6.14
CA ASN A 298 -14.91 -27.43 -5.15
C ASN A 298 -14.67 -26.86 -3.75
N TYR A 299 -14.48 -25.54 -3.68
CA TYR A 299 -14.19 -24.88 -2.42
C TYR A 299 -15.36 -24.97 -1.44
N ALA A 300 -16.58 -24.95 -1.96
CA ALA A 300 -17.78 -24.98 -1.12
C ALA A 300 -17.90 -26.28 -0.36
N GLU A 301 -17.71 -27.40 -1.04
CA GLU A 301 -17.77 -28.71 -0.41
C GLU A 301 -16.58 -28.94 0.52
N LEU A 302 -15.42 -28.42 0.13
CA LEU A 302 -14.22 -28.53 0.95
C LEU A 302 -14.39 -27.81 2.28
N THR A 303 -14.98 -26.62 2.22
CA THR A 303 -15.23 -25.82 3.42
C THR A 303 -16.14 -26.59 4.38
N ALA A 304 -17.17 -27.22 3.84
CA ALA A 304 -18.10 -28.02 4.63
C ALA A 304 -17.38 -29.19 5.29
N GLU A 305 -16.52 -29.86 4.55
CA GLU A 305 -15.76 -31.00 5.07
C GLU A 305 -14.78 -30.56 6.17
N LEU A 306 -14.07 -29.47 5.92
CA LEU A 306 -13.09 -28.96 6.87
C LEU A 306 -13.73 -28.53 8.18
N GLU A 307 -14.84 -27.80 8.08
CA GLU A 307 -15.53 -27.28 9.25
C GLU A 307 -16.15 -28.40 10.08
N LEU A 308 -16.45 -29.51 9.44
CA LEU A 308 -16.93 -30.69 10.15
C LEU A 308 -15.84 -31.22 11.08
N ALA A 309 -14.60 -31.21 10.60
CA ALA A 309 -13.46 -31.67 11.37
C ALA A 309 -13.05 -30.65 12.43
N LEU A 310 -13.16 -29.37 12.08
CA LEU A 310 -12.77 -28.29 12.99
C LEU A 310 -13.76 -28.09 14.12
N ALA A 311 -14.89 -28.79 14.06
CA ALA A 311 -15.92 -28.69 15.09
C ALA A 311 -15.46 -29.29 16.42
N SER A 312 -14.40 -30.10 16.35
CA SER A 312 -13.89 -30.78 17.54
C SER A 312 -13.27 -29.83 18.57
N LYS A 313 -12.57 -28.82 18.08
CA LYS A 313 -11.84 -27.90 18.96
C LYS A 313 -12.19 -26.44 18.71
N THR A 314 -11.87 -25.59 19.69
CA THR A 314 -12.06 -24.16 19.53
C THR A 314 -11.01 -23.59 18.58
N ALA A 315 -11.24 -22.36 18.12
CA ALA A 315 -10.33 -21.72 17.18
C ALA A 315 -8.95 -21.51 17.78
N THR A 316 -8.92 -21.17 19.07
CA THR A 316 -7.65 -20.95 19.78
C THR A 316 -6.83 -22.23 19.85
N GLU A 317 -7.50 -23.35 20.09
CA GLU A 317 -6.82 -24.65 20.16
C GLU A 317 -6.24 -25.05 18.81
N TRP A 318 -6.99 -24.80 17.75
CA TRP A 318 -6.56 -25.14 16.40
C TRP A 318 -5.36 -24.30 15.96
N VAL A 319 -5.38 -23.01 16.29
CA VAL A 319 -4.32 -22.10 15.90
C VAL A 319 -2.97 -22.53 16.47
N GLN A 320 -2.94 -22.89 17.74
CA GLN A 320 -1.71 -23.30 18.39
C GLN A 320 -1.20 -24.63 17.81
N LEU A 321 -2.12 -25.52 17.48
CA LEU A 321 -1.76 -26.81 16.91
C LEU A 321 -1.14 -26.66 15.53
N LEU A 322 -1.77 -25.84 14.69
CA LEU A 322 -1.30 -25.64 13.33
C LEU A 322 -0.01 -24.83 13.29
N GLN A 323 0.08 -23.81 14.12
CA GLN A 323 1.28 -22.97 14.19
C GLN A 323 2.49 -23.76 14.66
N ALA A 324 2.28 -24.63 15.64
CA ALA A 324 3.34 -25.49 16.15
C ALA A 324 3.85 -26.44 15.07
N ASN A 325 2.97 -26.83 14.17
CA ASN A 325 3.34 -27.72 13.07
C ASN A 325 3.75 -26.95 11.83
N GLY A 326 3.90 -25.64 11.96
CA GLY A 326 4.42 -24.80 10.90
C GLY A 326 3.44 -24.34 9.85
N LEU A 327 2.16 -24.61 10.04
CA LEU A 327 1.15 -24.15 9.09
C LEU A 327 0.76 -22.70 9.37
N MET A 328 0.26 -22.03 8.35
CA MET A 328 -0.14 -20.66 8.45
C MET A 328 -1.55 -20.52 8.93
N ALA A 329 -1.72 -20.11 10.16
CA ALA A 329 -3.04 -19.95 10.72
C ALA A 329 -3.04 -18.94 11.83
N CYS A 330 -4.17 -18.31 12.05
CA CYS A 330 -4.33 -17.34 13.10
C CYS A 330 -5.77 -17.04 13.38
N LEU A 331 -5.98 -16.29 14.42
CA LEU A 331 -7.29 -15.78 14.74
C LEU A 331 -7.44 -14.44 14.07
N ALA A 332 -8.66 -14.00 13.83
CA ALA A 332 -8.86 -12.70 13.24
C ALA A 332 -9.04 -11.77 14.40
N HIS A 333 -8.03 -10.96 14.66
CA HIS A 333 -8.01 -10.05 15.79
C HIS A 333 -8.78 -8.77 15.48
N THR A 334 -9.27 -8.14 16.53
CA THR A 334 -9.74 -6.77 16.43
C THR A 334 -8.57 -5.81 16.66
N TRP A 335 -8.75 -4.55 16.34
CA TRP A 335 -7.70 -3.55 16.51
C TRP A 335 -7.32 -3.47 17.97
N LYS A 336 -8.32 -3.53 18.82
CA LYS A 336 -8.10 -3.49 20.24
C LYS A 336 -7.26 -4.65 20.70
N GLN A 337 -7.51 -5.84 20.19
CA GLN A 337 -6.73 -7.01 20.50
C GLN A 337 -5.32 -6.93 19.95
N VAL A 338 -5.20 -6.38 18.77
CA VAL A 338 -3.95 -6.28 18.07
C VAL A 338 -2.90 -5.47 18.79
N VAL A 339 -3.27 -4.36 19.39
CA VAL A 339 -2.29 -3.56 20.12
C VAL A 339 -1.78 -4.21 21.39
N ASP A 340 -2.49 -5.17 21.92
CA ASP A 340 -2.06 -5.88 23.12
C ASP A 340 -1.32 -7.18 22.83
N THR A 341 -1.16 -7.57 21.56
CA THR A 341 -0.50 -8.83 21.30
C THR A 341 1.01 -8.73 21.55
N PRO A 342 1.66 -9.84 21.89
CA PRO A 342 3.13 -9.80 22.04
C PRO A 342 3.85 -9.44 20.76
N LEU A 343 3.36 -9.91 19.62
CA LEU A 343 4.02 -9.62 18.35
C LEU A 343 4.06 -8.12 18.09
N PHE A 344 2.97 -7.42 18.42
CA PHE A 344 2.91 -5.97 18.22
C PHE A 344 4.00 -5.26 19.02
N ALA A 345 4.14 -5.62 20.30
CA ALA A 345 5.18 -5.02 21.14
C ALA A 345 6.57 -5.43 20.67
N GLU A 346 6.71 -6.65 20.14
CA GLU A 346 8.01 -7.15 19.72
C GLU A 346 8.61 -6.34 18.58
N ASN A 347 7.77 -5.77 17.75
CA ASN A 347 8.22 -5.05 16.57
C ASN A 347 8.52 -3.58 16.67
N ASP A 348 8.37 -2.98 17.86
CA ASP A 348 8.61 -1.57 18.08
C ASP A 348 7.84 -0.68 17.15
N LEU A 349 6.59 -0.99 17.01
CA LEU A 349 5.68 -0.28 16.18
C LEU A 349 5.34 1.11 16.61
N THR A 350 5.33 1.37 17.90
CA THR A 350 4.99 2.67 18.41
C THR A 350 6.13 3.58 18.82
N LEU A 351 5.83 4.86 18.81
CA LEU A 351 6.75 5.88 19.24
C LEU A 351 5.95 6.96 19.92
N GLU A 352 6.54 7.63 20.87
CA GLU A 352 5.84 8.64 21.61
C GLU A 352 6.26 9.99 21.17
N VAL A 353 5.29 10.86 20.93
CA VAL A 353 5.58 12.19 20.45
C VAL A 353 5.31 13.23 21.49
N GLY A 354 6.34 14.00 21.82
CA GLY A 354 6.24 15.03 22.83
C GLY A 354 7.18 14.86 24.00
N ARG A 355 6.93 15.69 25.01
CA ARG A 355 7.72 15.80 26.22
C ARG A 355 7.15 15.16 27.47
N GLY A 356 7.88 14.22 28.05
CA GLY A 356 7.40 13.62 29.29
C GLY A 356 6.04 13.01 29.24
N ALA A 357 5.20 13.33 30.20
CA ALA A 357 3.85 12.81 30.24
C ALA A 357 2.90 13.40 29.18
N ASP A 358 3.25 14.54 28.61
CA ASP A 358 2.44 15.13 27.59
C ASP A 358 2.79 14.58 26.23
N THR A 359 2.40 13.33 25.99
CA THR A 359 2.73 12.69 24.77
C THR A 359 1.60 11.90 24.21
N ILE A 360 1.65 11.69 22.92
CA ILE A 360 0.65 10.89 22.22
C ILE A 360 1.40 9.80 21.47
N THR A 361 0.87 8.57 21.53
CA THR A 361 1.51 7.44 20.90
C THR A 361 1.07 7.32 19.44
N VAL A 362 2.05 7.15 18.58
CA VAL A 362 1.83 6.99 17.15
C VAL A 362 2.57 5.80 16.62
N ILE A 363 2.13 5.31 15.49
CA ILE A 363 2.73 4.18 14.83
C ILE A 363 3.71 4.69 13.79
N ARG A 364 4.87 4.09 13.77
CA ARG A 364 5.92 4.42 12.84
C ARG A 364 5.71 3.94 11.41
N THR A 365 6.50 4.49 10.50
CA THR A 365 6.49 4.04 9.12
C THR A 365 7.16 2.67 9.12
N PRO A 366 6.69 1.77 8.27
CA PRO A 366 7.11 0.38 8.20
C PRO A 366 8.53 -0.04 7.87
N ALA A 367 9.18 0.56 6.89
CA ALA A 367 10.51 0.13 6.58
C ALA A 367 11.54 0.40 7.65
N ARG A 368 12.37 -0.59 7.90
CA ARG A 368 13.45 -0.41 8.87
C ARG A 368 14.81 -0.61 8.21
N TYR A 369 15.79 0.12 8.73
CA TYR A 369 17.15 0.11 8.20
C TYR A 369 18.13 -0.12 9.34
N ALA A 370 19.23 -0.82 9.03
CA ALA A 370 20.19 -1.17 10.08
C ALA A 370 21.11 -0.01 10.44
N SER A 371 21.52 0.80 9.47
CA SER A 371 22.55 1.82 9.67
C SER A 371 22.01 3.12 10.25
N PHE A 372 20.70 3.28 10.29
CA PHE A 372 20.08 4.47 10.90
C PHE A 372 18.68 4.09 11.35
N ARG A 373 18.02 5.06 11.99
CA ARG A 373 16.70 4.88 12.62
C ARG A 373 15.69 5.72 11.87
N ALA A 374 14.79 5.08 11.12
CA ALA A 374 13.83 5.78 10.28
C ALA A 374 12.64 6.21 11.13
N VAL A 375 12.93 7.09 12.09
CA VAL A 375 11.96 7.56 13.05
C VAL A 375 12.34 8.98 13.47
N VAL A 376 11.32 9.81 13.64
CA VAL A 376 11.48 11.15 14.21
C VAL A 376 10.47 11.30 15.34
N THR A 377 10.95 11.69 16.52
CA THR A 377 10.09 11.85 17.68
C THR A 377 9.59 13.29 17.86
N ASP A 378 10.07 14.23 17.06
CA ASP A 378 9.64 15.61 17.19
C ASP A 378 8.14 15.73 16.91
N PRO A 379 7.43 16.61 17.62
CA PRO A 379 6.01 16.81 17.34
C PRO A 379 5.80 17.59 16.07
N PRO A 380 4.57 17.64 15.55
CA PRO A 380 4.30 18.44 14.37
C PRO A 380 4.47 19.92 14.69
N PRO A 381 4.78 20.75 13.69
CA PRO A 381 4.91 22.18 13.93
C PRO A 381 3.54 22.82 14.13
N THR A 382 3.51 23.91 14.86
CA THR A 382 2.31 24.72 14.86
C THR A 382 2.17 25.41 13.50
N ALA A 383 0.96 25.78 13.15
CA ALA A 383 0.72 26.41 11.89
C ALA A 383 1.45 27.72 11.80
N GLY A 384 2.23 27.89 10.75
CA GLY A 384 3.01 29.07 10.55
C GLY A 384 4.13 29.27 11.53
N GLU A 385 4.63 28.19 12.11
CA GLU A 385 5.66 28.23 13.10
C GLU A 385 6.96 28.79 12.58
N HIS A 386 7.27 28.49 11.34
CA HIS A 386 8.48 28.91 10.73
C HIS A 386 8.33 30.03 9.75
N ASN A 387 7.25 30.77 9.84
CA ASN A 387 7.05 31.88 8.95
C ASN A 387 8.17 32.89 9.08
N ALA A 388 8.61 33.20 10.27
CA ALA A 388 9.68 34.13 10.46
C ALA A 388 10.94 33.63 9.82
N VAL A 389 11.24 32.38 9.98
CA VAL A 389 12.44 31.84 9.38
C VAL A 389 12.43 31.79 7.88
N PHE A 390 11.33 31.41 7.28
CA PHE A 390 11.30 31.25 5.84
C PHE A 390 10.68 32.33 5.03
N LEU A 391 9.84 33.15 5.63
CA LEU A 391 9.21 34.22 4.88
C LEU A 391 9.99 35.54 4.98
N ALA A 392 11.12 35.46 5.66
CA ALA A 392 12.10 36.48 5.71
C ALA A 392 11.66 37.81 6.22
N ARG A 393 11.91 38.82 5.39
CA ARG A 393 11.71 40.23 5.65
C ARG A 393 12.57 40.59 6.83
N PRO A 394 13.83 40.16 6.77
CA PRO A 394 14.88 40.32 7.76
C PRO A 394 15.39 41.74 7.81
N ASN B 5 16.67 5.22 -26.51
CA ASN B 5 15.96 4.94 -25.28
C ASN B 5 16.58 5.70 -24.14
N PRO B 6 15.78 6.45 -23.42
CA PRO B 6 16.18 7.29 -22.31
C PRO B 6 16.65 6.51 -21.12
N ALA B 7 17.54 7.14 -20.39
CA ALA B 7 18.12 6.59 -19.20
C ALA B 7 17.11 6.42 -18.11
N LYS B 8 17.34 5.42 -17.29
CA LYS B 8 16.48 5.13 -16.19
C LYS B 8 17.28 5.21 -14.93
N PRO B 9 16.61 5.41 -13.81
CA PRO B 9 17.23 5.57 -12.50
C PRO B 9 18.06 4.41 -12.09
N LEU B 10 17.70 3.20 -12.44
CA LEU B 10 18.51 2.09 -12.00
C LEU B 10 19.37 1.39 -13.03
N ASP B 11 19.67 2.03 -14.15
CA ASP B 11 20.49 1.41 -15.18
C ASP B 11 21.84 1.05 -14.67
N GLY B 12 22.28 -0.15 -14.96
CA GLY B 12 23.55 -0.62 -14.48
C GLY B 12 23.54 -1.32 -13.14
N PHE B 13 22.41 -1.36 -12.46
CA PHE B 13 22.33 -2.05 -11.17
C PHE B 13 21.88 -3.51 -11.30
N ARG B 14 22.43 -4.35 -10.48
CA ARG B 14 22.05 -5.74 -10.51
C ARG B 14 21.38 -6.18 -9.24
N VAL B 15 20.24 -6.84 -9.37
CA VAL B 15 19.48 -7.34 -8.24
C VAL B 15 19.29 -8.83 -8.29
N LEU B 16 19.48 -9.49 -7.17
CA LEU B 16 19.24 -10.91 -7.08
C LEU B 16 17.95 -11.07 -6.33
N ASP B 17 16.96 -11.63 -7.00
CA ASP B 17 15.64 -11.81 -6.43
C ASP B 17 15.44 -13.23 -6.03
N PHE B 18 15.48 -13.46 -4.74
CA PHE B 18 15.28 -14.77 -4.20
C PHE B 18 13.85 -14.99 -3.81
N THR B 19 13.00 -14.03 -4.06
CA THR B 19 11.60 -14.11 -3.68
C THR B 19 10.61 -14.89 -4.51
N GLN B 20 9.52 -15.28 -3.87
CA GLN B 20 8.44 -15.99 -4.52
C GLN B 20 7.10 -15.28 -4.30
N ASN B 21 6.06 -15.76 -4.99
CA ASN B 21 4.70 -15.26 -4.86
C ASN B 21 4.50 -13.82 -5.33
N VAL B 22 3.96 -12.97 -4.45
CA VAL B 22 3.50 -11.64 -4.85
C VAL B 22 4.34 -10.47 -4.34
N ALA B 23 4.48 -10.36 -3.03
CA ALA B 23 5.06 -9.18 -2.39
C ALA B 23 6.49 -8.91 -2.83
N GLY B 24 7.34 -9.93 -2.71
CA GLY B 24 8.72 -9.81 -3.12
C GLY B 24 8.94 -9.55 -4.59
N PRO B 25 8.34 -10.37 -5.47
CA PRO B 25 8.49 -10.15 -6.92
C PRO B 25 7.96 -8.80 -7.40
N LEU B 26 6.91 -8.28 -6.76
CA LEU B 26 6.37 -6.98 -7.12
C LEU B 26 7.40 -5.88 -6.92
N ALA B 27 8.15 -5.98 -5.82
CA ALA B 27 9.22 -5.03 -5.54
C ALA B 27 10.29 -5.11 -6.63
N GLY B 28 10.61 -6.34 -7.03
CA GLY B 28 11.56 -6.56 -8.12
C GLY B 28 11.02 -6.02 -9.43
N GLN B 29 9.71 -6.17 -9.64
CA GLN B 29 9.06 -5.66 -10.84
C GLN B 29 9.20 -4.14 -10.93
N VAL B 30 9.09 -3.48 -9.79
CA VAL B 30 9.27 -2.03 -9.72
C VAL B 30 10.69 -1.65 -10.09
N LEU B 31 11.65 -2.40 -9.56
CA LEU B 31 13.06 -2.16 -9.84
C LEU B 31 13.37 -2.40 -11.31
N VAL B 32 12.71 -3.39 -11.90
CA VAL B 32 12.86 -3.67 -13.32
C VAL B 32 12.36 -2.50 -14.15
N ASP B 33 11.18 -1.99 -13.78
CA ASP B 33 10.58 -0.87 -14.48
C ASP B 33 11.43 0.40 -14.38
N LEU B 34 12.19 0.50 -13.31
CA LEU B 34 13.09 1.64 -13.13
C LEU B 34 14.46 1.37 -13.74
N GLY B 35 14.56 0.29 -14.52
CA GLY B 35 15.77 -0.04 -15.23
C GLY B 35 16.81 -0.95 -14.66
N ALA B 36 16.58 -1.54 -13.51
CA ALA B 36 17.56 -2.45 -12.95
C ALA B 36 17.54 -3.81 -13.60
N GLU B 37 18.65 -4.52 -13.46
CA GLU B 37 18.71 -5.91 -13.91
C GLU B 37 18.39 -6.81 -12.73
N VAL B 38 17.26 -7.49 -12.81
CA VAL B 38 16.82 -8.33 -11.71
C VAL B 38 16.83 -9.80 -12.11
N ILE B 39 17.59 -10.60 -11.37
CA ILE B 39 17.73 -12.01 -11.67
C ILE B 39 16.98 -12.85 -10.64
N LYS B 40 16.00 -13.60 -11.12
CA LYS B 40 15.26 -14.49 -10.23
C LYS B 40 16.11 -15.70 -9.89
N VAL B 41 16.08 -16.08 -8.61
CA VAL B 41 16.72 -17.31 -8.18
C VAL B 41 15.64 -18.31 -7.78
N GLU B 42 15.49 -19.36 -8.58
CA GLU B 42 14.40 -20.30 -8.40
C GLU B 42 14.90 -21.71 -8.13
N ALA B 43 14.03 -22.53 -7.57
CA ALA B 43 14.31 -23.94 -7.35
C ALA B 43 14.14 -24.68 -8.67
N PRO B 44 14.74 -25.88 -8.80
CA PRO B 44 14.57 -26.65 -10.02
C PRO B 44 13.10 -26.87 -10.38
N GLY B 45 12.73 -26.60 -11.62
CA GLY B 45 11.35 -26.68 -12.04
C GLY B 45 10.62 -25.35 -11.92
N GLY B 46 11.35 -24.31 -11.50
CA GLY B 46 10.78 -22.99 -11.38
C GLY B 46 10.05 -22.71 -10.10
N GLU B 47 9.73 -21.45 -9.90
CA GLU B 47 9.02 -20.99 -8.72
C GLU B 47 7.64 -21.61 -8.70
N ALA B 48 7.16 -21.93 -7.53
CA ALA B 48 5.87 -22.62 -7.43
C ALA B 48 4.73 -21.77 -7.95
N ALA B 49 4.82 -20.46 -7.81
CA ALA B 49 3.78 -19.57 -8.29
C ALA B 49 3.58 -19.64 -9.78
N ARG B 50 4.53 -20.21 -10.48
CA ARG B 50 4.46 -20.37 -11.92
C ARG B 50 3.37 -21.32 -12.28
N GLN B 51 3.26 -22.36 -11.50
CA GLN B 51 2.28 -23.37 -11.76
C GLN B 51 0.91 -23.04 -11.23
N ILE B 52 0.78 -22.00 -10.42
CA ILE B 52 -0.52 -21.64 -9.88
C ILE B 52 -1.34 -20.78 -10.85
N THR B 53 -1.76 -21.41 -11.95
CA THR B 53 -2.48 -20.76 -12.99
C THR B 53 -3.87 -21.14 -12.72
N SER B 54 -4.58 -20.17 -12.23
CA SER B 54 -5.96 -20.30 -11.90
C SER B 54 -6.79 -19.58 -12.92
N VAL B 55 -6.27 -19.48 -14.12
CA VAL B 55 -7.02 -18.85 -15.15
C VAL B 55 -7.04 -19.71 -16.39
N LEU B 56 -8.24 -19.90 -16.96
CA LEU B 56 -8.34 -20.66 -18.18
C LEU B 56 -9.46 -20.02 -19.04
N PRO B 57 -9.36 -20.13 -20.37
CA PRO B 57 -10.35 -19.53 -21.24
C PRO B 57 -10.50 -20.22 -22.59
N ALA B 63 -2.07 -17.30 -14.99
CA ALA B 63 -0.85 -17.25 -14.20
C ALA B 63 -0.83 -16.15 -13.17
N THR B 64 -2.01 -15.62 -12.91
CA THR B 64 -2.36 -14.53 -12.01
C THR B 64 -1.31 -13.86 -11.14
N TYR B 65 -0.68 -14.58 -10.23
CA TYR B 65 0.36 -14.11 -9.37
C TYR B 65 1.74 -13.98 -9.97
N PHE B 66 2.11 -14.85 -10.86
CA PHE B 66 3.44 -14.78 -11.40
C PHE B 66 3.69 -13.84 -12.53
N LEU B 67 2.81 -13.87 -13.50
CA LEU B 67 2.99 -13.10 -14.72
C LEU B 67 3.09 -11.59 -14.51
N PRO B 68 2.18 -10.92 -13.80
CA PRO B 68 2.26 -9.44 -13.72
C PRO B 68 3.46 -8.92 -12.95
N ASN B 69 4.18 -9.77 -12.21
CA ASN B 69 5.25 -9.30 -11.34
C ASN B 69 6.64 -9.72 -11.79
N ASN B 70 6.77 -10.45 -12.90
CA ASN B 70 8.08 -10.95 -13.30
C ASN B 70 8.44 -10.59 -14.73
N ARG B 71 7.81 -9.56 -15.30
CA ARG B 71 8.13 -9.14 -16.64
C ARG B 71 9.54 -8.55 -16.69
N GLY B 72 10.30 -8.90 -17.71
CA GLY B 72 11.61 -8.35 -17.91
C GLY B 72 12.68 -8.83 -16.97
N LYS B 73 12.39 -9.90 -16.27
CA LYS B 73 13.37 -10.40 -15.35
C LYS B 73 14.15 -11.54 -15.94
N LYS B 74 15.34 -11.76 -15.44
CA LYS B 74 16.16 -12.87 -15.85
C LYS B 74 15.97 -14.02 -14.86
N SER B 75 16.34 -15.23 -15.23
CA SER B 75 16.17 -16.34 -14.30
C SER B 75 17.31 -17.33 -14.21
N VAL B 76 17.58 -17.81 -13.01
CA VAL B 76 18.55 -18.86 -12.81
C VAL B 76 17.89 -19.91 -11.95
N THR B 77 18.20 -21.15 -12.23
CA THR B 77 17.59 -22.24 -11.50
C THR B 77 18.67 -22.95 -10.72
N VAL B 78 18.44 -23.21 -9.45
CA VAL B 78 19.47 -23.77 -8.62
C VAL B 78 18.99 -24.57 -7.41
N ASP B 79 19.74 -25.58 -7.01
CA ASP B 79 19.38 -26.39 -5.86
C ASP B 79 20.26 -26.00 -4.73
N LEU B 80 19.75 -25.17 -3.86
CA LEU B 80 20.52 -24.68 -2.73
C LEU B 80 20.76 -25.73 -1.66
N THR B 81 20.31 -26.97 -1.86
CA THR B 81 20.78 -28.07 -1.02
C THR B 81 22.25 -28.36 -1.28
N THR B 82 22.67 -28.28 -2.54
CA THR B 82 24.05 -28.58 -2.91
C THR B 82 24.97 -27.42 -2.59
N GLU B 83 26.19 -27.79 -2.24
CA GLU B 83 27.29 -26.91 -1.96
C GLU B 83 27.63 -26.18 -3.23
N GLN B 84 27.59 -26.91 -4.35
CA GLN B 84 27.95 -26.35 -5.64
C GLN B 84 27.13 -25.10 -5.90
N ALA B 85 25.85 -25.23 -5.61
CA ALA B 85 24.88 -24.17 -5.79
C ALA B 85 25.19 -22.96 -4.92
N LYS B 86 25.45 -23.25 -3.65
CA LYS B 86 25.78 -22.22 -2.67
C LYS B 86 26.96 -21.38 -3.14
N GLN B 87 27.97 -22.05 -3.69
CA GLN B 87 29.15 -21.38 -4.20
C GLN B 87 28.84 -20.52 -5.41
N GLN B 88 27.94 -21.01 -6.28
CA GLN B 88 27.51 -20.24 -7.44
C GLN B 88 26.80 -18.97 -7.01
N MET B 89 25.97 -19.07 -5.98
CA MET B 89 25.25 -17.92 -5.44
C MET B 89 26.20 -16.91 -4.83
N LEU B 90 27.23 -17.40 -4.13
CA LEU B 90 28.23 -16.54 -3.52
C LEU B 90 28.97 -15.72 -4.57
N ARG B 91 29.33 -16.37 -5.67
CA ARG B 91 30.03 -15.71 -6.76
C ARG B 91 29.10 -14.74 -7.49
N LEU B 92 27.82 -15.09 -7.55
CA LEU B 92 26.83 -14.25 -8.20
C LEU B 92 26.48 -13.03 -7.35
N ALA B 93 26.44 -13.24 -6.03
CA ALA B 93 26.13 -12.16 -5.09
C ALA B 93 27.23 -11.10 -5.09
N ASP B 94 28.46 -11.53 -5.38
CA ASP B 94 29.61 -10.63 -5.42
C ASP B 94 29.45 -9.55 -6.48
N THR B 95 28.63 -9.84 -7.50
CA THR B 95 28.44 -8.92 -8.61
C THR B 95 27.11 -8.19 -8.52
N ALA B 96 26.40 -8.37 -7.41
CA ALA B 96 25.08 -7.81 -7.24
C ALA B 96 25.10 -6.52 -6.42
N ASP B 97 24.18 -5.61 -6.73
CA ASP B 97 24.04 -4.37 -5.98
C ASP B 97 23.02 -4.54 -4.85
N VAL B 98 21.97 -5.31 -5.14
CA VAL B 98 20.90 -5.54 -4.17
C VAL B 98 20.50 -7.01 -4.14
N VAL B 99 20.28 -7.54 -2.94
CA VAL B 99 19.76 -8.90 -2.79
C VAL B 99 18.39 -8.86 -2.12
N LEU B 100 17.40 -9.45 -2.78
CA LEU B 100 16.05 -9.53 -2.24
C LEU B 100 15.73 -10.95 -1.80
N GLU B 101 15.32 -11.12 -0.55
CA GLU B 101 14.93 -12.43 -0.05
C GLU B 101 13.66 -12.34 0.78
N ALA B 102 12.75 -13.28 0.57
CA ALA B 102 11.48 -13.27 1.28
C ALA B 102 11.16 -14.60 1.94
N PHE B 103 12.20 -15.29 2.40
CA PHE B 103 12.01 -16.56 3.08
C PHE B 103 11.64 -16.34 4.54
N ARG B 104 11.28 -17.42 5.22
CA ARG B 104 11.06 -17.38 6.66
C ARG B 104 12.33 -16.87 7.36
N PRO B 105 12.17 -16.11 8.46
CA PRO B 105 13.35 -15.64 9.20
C PRO B 105 14.31 -16.75 9.63
N GLY B 106 15.59 -16.56 9.31
CA GLY B 106 16.62 -17.51 9.68
C GLY B 106 16.89 -18.56 8.62
N THR B 107 16.09 -18.55 7.56
CA THR B 107 16.23 -19.52 6.48
C THR B 107 17.50 -19.29 5.67
N MET B 108 17.72 -18.03 5.29
CA MET B 108 18.86 -17.68 4.45
C MET B 108 20.19 -17.93 5.15
N GLU B 109 20.21 -17.72 6.46
CA GLU B 109 21.40 -17.98 7.27
C GLU B 109 21.76 -19.47 7.25
N LYS B 110 20.73 -20.32 7.25
CA LYS B 110 20.91 -21.76 7.20
C LYS B 110 21.55 -22.20 5.88
N LEU B 111 21.25 -21.46 4.81
CA LEU B 111 21.77 -21.79 3.49
C LEU B 111 23.16 -21.21 3.28
N GLY B 112 23.64 -20.45 4.25
CA GLY B 112 24.95 -19.84 4.16
C GLY B 112 24.94 -18.63 3.25
N LEU B 113 23.75 -18.08 3.02
CA LEU B 113 23.59 -16.92 2.15
C LEU B 113 22.97 -15.76 2.91
N GLY B 114 23.20 -15.71 4.22
CA GLY B 114 22.64 -14.67 5.06
C GLY B 114 23.36 -13.35 4.86
N PRO B 115 22.90 -12.31 5.58
CA PRO B 115 23.48 -10.96 5.47
C PRO B 115 24.98 -10.93 5.75
N ASP B 116 25.40 -11.56 6.84
CA ASP B 116 26.81 -11.57 7.21
C ASP B 116 27.64 -12.32 6.19
N ASP B 117 27.09 -13.40 5.64
CA ASP B 117 27.80 -14.22 4.66
C ASP B 117 28.08 -13.46 3.36
N LEU B 118 27.06 -12.82 2.81
CA LEU B 118 27.18 -12.11 1.54
C LEU B 118 27.90 -10.77 1.67
N ARG B 119 27.60 -10.03 2.73
CA ARG B 119 28.17 -8.70 2.93
C ARG B 119 29.65 -8.72 3.28
N SER B 120 30.11 -9.82 3.86
CA SER B 120 31.53 -9.99 4.15
C SER B 120 32.32 -10.03 2.85
N ARG B 121 31.75 -10.73 1.86
CA ARG B 121 32.34 -10.81 0.53
C ARG B 121 32.16 -9.51 -0.25
N ASN B 122 30.96 -8.93 -0.17
CA ASN B 122 30.64 -7.74 -0.93
C ASN B 122 30.25 -6.58 -0.01
N PRO B 123 31.10 -5.55 0.05
CA PRO B 123 30.87 -4.37 0.89
C PRO B 123 29.95 -3.35 0.22
N ASN B 124 29.62 -3.60 -1.04
CA ASN B 124 28.73 -2.72 -1.80
C ASN B 124 27.30 -3.26 -1.87
N LEU B 125 27.09 -4.43 -1.27
CA LEU B 125 25.82 -5.12 -1.39
C LEU B 125 24.77 -4.61 -0.42
N ILE B 126 23.61 -4.26 -0.96
CA ILE B 126 22.47 -3.89 -0.12
C ILE B 126 21.59 -5.12 0.10
N TYR B 127 21.35 -5.44 1.37
CA TYR B 127 20.62 -6.65 1.71
C TYR B 127 19.20 -6.33 2.19
N ALA B 128 18.21 -6.76 1.42
CA ALA B 128 16.82 -6.46 1.73
C ALA B 128 16.05 -7.72 2.09
N ARG B 129 15.45 -7.72 3.27
CA ARG B 129 14.72 -8.88 3.76
C ARG B 129 13.23 -8.57 3.93
N LEU B 130 12.40 -9.37 3.29
CA LEU B 130 10.95 -9.24 3.42
C LEU B 130 10.37 -10.45 4.13
N THR B 131 9.76 -10.22 5.27
CA THR B 131 9.17 -11.31 6.05
C THR B 131 7.72 -11.00 6.38
N ALA B 132 7.01 -12.01 6.86
CA ALA B 132 5.62 -11.85 7.24
C ALA B 132 5.46 -11.03 8.51
N TYR B 133 6.26 -11.35 9.53
CA TYR B 133 6.07 -10.75 10.84
C TYR B 133 7.30 -10.04 11.41
N GLY B 134 8.38 -10.00 10.64
CA GLY B 134 9.55 -9.24 11.02
C GLY B 134 10.76 -10.04 11.47
N GLY B 135 10.50 -11.17 12.13
CA GLY B 135 11.57 -12.01 12.65
C GLY B 135 12.46 -11.31 13.65
N ASN B 136 11.85 -10.45 14.46
CA ASN B 136 12.57 -9.72 15.50
C ASN B 136 12.58 -10.47 16.83
N GLY B 137 11.95 -11.64 16.81
CA GLY B 137 11.84 -12.46 18.01
C GLY B 137 11.09 -13.75 17.70
N PRO B 138 10.74 -14.51 18.75
CA PRO B 138 10.04 -15.79 18.60
C PRO B 138 8.68 -15.65 17.94
N HIS B 139 7.95 -14.58 18.26
CA HIS B 139 6.61 -14.36 17.72
C HIS B 139 6.62 -14.02 16.23
N GLY B 140 7.72 -13.44 15.75
CA GLY B 140 7.80 -13.02 14.37
C GLY B 140 8.51 -14.00 13.46
N SER B 141 8.75 -15.21 13.97
CA SER B 141 9.52 -16.21 13.23
C SER B 141 8.67 -17.02 12.26
N ARG B 142 7.35 -16.99 12.45
CA ARG B 142 6.44 -17.81 11.65
C ARG B 142 6.37 -17.38 10.19
N PRO B 143 6.08 -18.32 9.28
CA PRO B 143 5.80 -17.96 7.89
C PRO B 143 4.40 -17.37 7.77
N GLY B 144 4.17 -16.55 6.76
CA GLY B 144 2.87 -15.93 6.60
C GLY B 144 2.54 -15.59 5.16
N ILE B 145 1.25 -15.36 4.91
CA ILE B 145 0.76 -15.01 3.59
C ILE B 145 -0.18 -13.83 3.73
N ASP B 146 -0.54 -13.22 2.61
CA ASP B 146 -1.37 -12.01 2.59
C ASP B 146 -2.64 -12.15 3.44
N LEU B 147 -3.32 -13.28 3.31
CA LEU B 147 -4.56 -13.53 4.02
C LEU B 147 -4.35 -13.60 5.53
N VAL B 148 -3.41 -14.43 5.95
CA VAL B 148 -3.17 -14.67 7.37
C VAL B 148 -2.63 -13.43 8.08
N VAL B 149 -1.69 -12.74 7.43
CA VAL B 149 -1.08 -11.54 8.00
C VAL B 149 -2.12 -10.42 8.17
N ALA B 150 -2.99 -10.26 7.18
CA ALA B 150 -4.02 -9.23 7.22
C ALA B 150 -5.01 -9.46 8.36
N ALA B 151 -5.44 -10.72 8.51
CA ALA B 151 -6.39 -11.08 9.54
C ALA B 151 -5.80 -10.90 10.94
N GLU B 152 -4.53 -11.27 11.08
CA GLU B 152 -3.85 -11.16 12.37
C GLU B 152 -3.58 -9.70 12.72
N ALA B 153 -3.47 -8.86 11.71
CA ALA B 153 -3.21 -7.44 11.91
C ALA B 153 -4.49 -6.66 12.21
N GLY B 154 -5.63 -7.35 12.15
CA GLY B 154 -6.89 -6.74 12.53
C GLY B 154 -7.70 -6.14 11.40
N MET B 155 -7.41 -6.52 10.16
CA MET B 155 -8.06 -5.91 9.00
C MET B 155 -9.51 -6.35 8.81
N THR B 156 -9.96 -7.34 9.59
CA THR B 156 -11.34 -7.79 9.52
C THR B 156 -12.23 -6.99 10.46
N THR B 157 -11.61 -6.10 11.24
CA THR B 157 -12.31 -5.35 12.27
C THR B 157 -13.38 -4.41 11.71
N GLY B 158 -14.55 -4.42 12.34
CA GLY B 158 -15.59 -3.45 12.05
C GLY B 158 -16.41 -3.74 10.82
N MET B 159 -16.21 -4.91 10.21
CA MET B 159 -16.99 -5.28 9.04
C MET B 159 -17.81 -6.54 9.31
N PRO B 160 -19.12 -6.37 9.52
CA PRO B 160 -20.09 -7.43 9.80
C PRO B 160 -20.54 -8.18 8.54
N THR B 161 -20.76 -9.49 8.67
CA THR B 161 -21.29 -10.29 7.58
C THR B 161 -22.59 -10.96 7.98
N PRO B 162 -23.45 -11.29 6.99
CA PRO B 162 -24.71 -11.97 7.28
C PRO B 162 -24.52 -13.33 7.94
N GLU B 163 -23.37 -13.96 7.71
CA GLU B 163 -23.10 -15.29 8.27
C GLU B 163 -22.38 -15.19 9.61
N GLY B 164 -21.93 -14.00 9.96
CA GLY B 164 -21.20 -13.81 11.21
C GLY B 164 -19.72 -14.12 11.07
N LYS B 165 -19.33 -14.47 9.85
CA LYS B 165 -17.94 -14.80 9.54
C LYS B 165 -17.12 -13.52 9.37
N PRO B 166 -15.83 -13.57 9.72
CA PRO B 166 -14.95 -12.41 9.52
C PRO B 166 -14.84 -11.99 8.05
N GLN B 167 -14.86 -10.70 7.79
CA GLN B 167 -14.76 -10.20 6.42
C GLN B 167 -13.37 -10.41 5.85
N ILE B 168 -13.30 -11.18 4.76
CA ILE B 168 -12.02 -11.40 4.08
C ILE B 168 -11.94 -10.51 2.85
N ILE B 169 -10.99 -9.58 2.86
CA ILE B 169 -10.78 -8.71 1.71
C ILE B 169 -10.25 -9.53 0.55
N PRO B 170 -11.01 -9.56 -0.57
CA PRO B 170 -10.78 -10.51 -1.66
C PRO B 170 -9.67 -10.12 -2.63
N PHE B 171 -8.77 -9.22 -2.22
CA PHE B 171 -7.57 -8.96 -3.00
C PHE B 171 -6.34 -8.87 -2.11
N GLN B 172 -5.16 -9.00 -2.71
CA GLN B 172 -3.92 -9.07 -1.96
C GLN B 172 -3.43 -7.67 -1.58
N LEU B 173 -4.16 -7.03 -0.67
CA LEU B 173 -3.86 -5.67 -0.25
C LEU B 173 -2.52 -5.55 0.48
N VAL B 174 -2.27 -6.46 1.41
CA VAL B 174 -1.05 -6.40 2.22
C VAL B 174 0.20 -6.73 1.39
N ALA B 175 0.10 -7.76 0.55
CA ALA B 175 1.23 -8.19 -0.25
C ALA B 175 1.63 -7.13 -1.27
N ASN B 176 0.65 -6.54 -1.93
CA ASN B 176 0.91 -5.51 -2.92
C ASN B 176 1.45 -4.23 -2.30
N ALA B 177 0.93 -3.88 -1.12
CA ALA B 177 1.40 -2.70 -0.40
C ALA B 177 2.82 -2.93 0.11
N SER B 178 3.09 -4.15 0.60
CA SER B 178 4.41 -4.50 1.11
C SER B 178 5.46 -4.44 0.00
N GLY B 179 5.06 -4.81 -1.21
CA GLY B 179 5.94 -4.78 -2.36
C GLY B 179 6.43 -3.38 -2.67
N HIS B 180 5.51 -2.41 -2.62
CA HIS B 180 5.85 -1.03 -2.89
C HIS B 180 6.68 -0.42 -1.76
N VAL B 181 6.39 -0.82 -0.53
CA VAL B 181 7.15 -0.36 0.61
C VAL B 181 8.58 -0.90 0.56
N LEU B 182 8.71 -2.16 0.17
CA LEU B 182 10.02 -2.79 0.04
C LEU B 182 10.84 -2.14 -1.07
N ALA B 183 10.19 -1.85 -2.19
CA ALA B 183 10.85 -1.16 -3.30
C ALA B 183 11.26 0.24 -2.87
N GLN B 184 10.40 0.88 -2.06
CA GLN B 184 10.68 2.19 -1.51
C GLN B 184 11.94 2.16 -0.65
N ALA B 185 12.04 1.15 0.20
CA ALA B 185 13.17 0.99 1.10
C ALA B 185 14.46 0.69 0.33
N VAL B 186 14.34 -0.11 -0.73
CA VAL B 186 15.50 -0.44 -1.56
C VAL B 186 16.04 0.81 -2.25
N LEU B 187 15.14 1.64 -2.79
CA LEU B 187 15.52 2.89 -3.44
C LEU B 187 16.18 3.83 -2.44
N ALA B 188 15.67 3.84 -1.21
CA ALA B 188 16.24 4.64 -0.15
C ALA B 188 17.66 4.18 0.19
N ALA B 189 17.84 2.86 0.23
CA ALA B 189 19.15 2.28 0.53
C ALA B 189 20.16 2.61 -0.55
N LEU B 190 19.71 2.63 -1.80
CA LEU B 190 20.57 2.97 -2.94
C LEU B 190 21.02 4.42 -2.85
N LEU B 191 20.11 5.30 -2.44
CA LEU B 191 20.44 6.69 -2.21
C LEU B 191 21.44 6.82 -1.06
N HIS B 192 21.21 6.03 -0.01
CA HIS B 192 22.08 6.03 1.17
C HIS B 192 23.50 5.61 0.77
N ARG B 193 23.59 4.61 -0.10
CA ARG B 193 24.88 4.12 -0.59
C ARG B 193 25.55 5.16 -1.48
N GLU B 194 24.75 5.78 -2.35
CA GLU B 194 25.28 6.77 -3.28
C GLU B 194 25.79 8.02 -2.56
N ARG B 195 25.01 8.52 -1.61
CA ARG B 195 25.33 9.78 -0.94
C ARG B 195 26.24 9.62 0.27
N ASN B 196 26.01 8.58 1.06
CA ASN B 196 26.75 8.41 2.31
C ASN B 196 27.70 7.21 2.32
N GLY B 197 27.77 6.50 1.19
CA GLY B 197 28.67 5.37 1.06
C GLY B 197 28.37 4.22 2.01
N VAL B 198 27.10 4.03 2.33
CA VAL B 198 26.69 2.96 3.24
C VAL B 198 25.82 1.92 2.54
N ALA B 199 26.26 0.67 2.55
CA ALA B 199 25.47 -0.43 2.02
C ALA B 199 24.72 -1.08 3.17
N ASP B 200 23.41 -0.85 3.23
CA ASP B 200 22.63 -1.17 4.42
C ASP B 200 21.90 -2.50 4.34
N VAL B 201 21.40 -2.94 5.49
CA VAL B 201 20.51 -4.08 5.57
C VAL B 201 19.08 -3.56 5.75
N VAL B 202 18.19 -3.94 4.84
CA VAL B 202 16.83 -3.42 4.85
C VAL B 202 15.84 -4.50 5.27
N GLN B 203 14.90 -4.13 6.14
CA GLN B 203 13.89 -5.05 6.63
C GLN B 203 12.50 -4.49 6.48
N VAL B 204 11.62 -5.26 5.84
CA VAL B 204 10.22 -4.87 5.71
C VAL B 204 9.34 -6.05 6.14
N ALA B 205 8.44 -5.79 7.08
CA ALA B 205 7.52 -6.82 7.55
C ALA B 205 6.12 -6.56 7.03
N MET B 206 5.49 -7.59 6.49
CA MET B 206 4.13 -7.50 5.98
C MET B 206 3.18 -7.11 7.10
N TYR B 207 3.46 -7.59 8.30
CA TYR B 207 2.67 -7.25 9.48
C TYR B 207 2.77 -5.76 9.79
N ASP B 208 3.99 -5.23 9.69
CA ASP B 208 4.23 -3.81 9.94
C ASP B 208 3.52 -2.95 8.90
N VAL B 209 3.54 -3.40 7.65
CA VAL B 209 2.86 -2.70 6.57
C VAL B 209 1.35 -2.71 6.79
N ALA B 210 0.81 -3.86 7.16
CA ALA B 210 -0.62 -3.97 7.43
C ALA B 210 -1.02 -3.12 8.62
N VAL B 211 -0.17 -3.08 9.66
CA VAL B 211 -0.43 -2.20 10.81
C VAL B 211 -0.39 -0.73 10.37
N GLY B 212 0.56 -0.39 9.51
CA GLY B 212 0.64 0.99 9.03
C GLY B 212 -0.59 1.41 8.24
N LEU B 213 -1.16 0.49 7.46
CA LEU B 213 -2.36 0.80 6.70
C LEU B 213 -3.56 1.09 7.60
N GLN B 214 -3.56 0.57 8.83
CA GLN B 214 -4.62 0.80 9.79
C GLN B 214 -4.23 1.76 10.89
N ALA B 215 -3.13 2.51 10.70
CA ALA B 215 -2.51 3.23 11.81
C ALA B 215 -3.49 4.22 12.46
N ASN B 216 -4.27 4.94 11.66
CA ASN B 216 -5.20 5.93 12.22
C ASN B 216 -6.21 5.27 13.15
N GLN B 217 -6.66 4.06 12.79
CA GLN B 217 -7.63 3.35 13.63
C GLN B 217 -6.96 2.74 14.85
N LEU B 218 -5.78 2.15 14.67
CA LEU B 218 -5.04 1.58 15.79
C LEU B 218 -4.62 2.66 16.78
N MET B 219 -4.41 3.88 16.28
CA MET B 219 -4.00 5.00 17.12
C MET B 219 -5.01 5.24 18.24
N MET B 220 -6.31 5.08 17.96
CA MET B 220 -7.33 5.37 18.95
C MET B 220 -7.24 4.44 20.16
N HIS B 221 -6.79 3.21 19.95
CA HIS B 221 -6.65 2.25 21.04
C HIS B 221 -5.31 2.34 21.76
N LEU B 222 -4.37 3.14 21.26
CA LEU B 222 -3.09 3.34 21.91
C LEU B 222 -3.06 4.58 22.79
N ASN B 223 -4.20 5.25 22.96
CA ASN B 223 -4.26 6.50 23.70
C ASN B 223 -5.50 6.59 24.60
N ALA B 247 -15.43 8.53 13.30
CA ALA B 247 -15.11 8.91 11.94
C ALA B 247 -15.39 10.38 11.63
N THR B 248 -15.89 10.64 10.41
CA THR B 248 -16.16 11.99 9.96
C THR B 248 -17.26 11.93 8.88
N GLN B 249 -18.45 12.32 9.26
CA GLN B 249 -19.69 12.05 8.54
C GLN B 249 -20.24 13.34 7.93
N PRO B 250 -20.84 13.24 6.73
CA PRO B 250 -21.17 11.99 6.04
C PRO B 250 -20.11 11.46 5.09
N SER B 251 -19.78 10.17 5.24
CA SER B 251 -18.78 9.48 4.41
C SER B 251 -19.16 8.00 4.40
N ASP B 252 -19.97 7.59 3.43
CA ASP B 252 -20.48 6.22 3.42
C ASP B 252 -21.09 5.93 2.07
N ALA B 253 -21.63 4.71 1.94
CA ALA B 253 -22.44 4.32 0.80
C ALA B 253 -23.90 4.41 1.21
N PHE B 254 -24.69 5.15 0.45
CA PHE B 254 -26.08 5.43 0.81
C PHE B 254 -27.06 4.83 -0.20
N ARG B 255 -28.18 4.33 0.31
CA ARG B 255 -29.18 3.71 -0.54
C ARG B 255 -29.99 4.79 -1.26
N THR B 256 -30.24 4.59 -2.55
CA THR B 256 -31.04 5.53 -3.33
C THR B 256 -32.26 4.82 -3.93
N ALA B 257 -32.95 5.51 -4.84
CA ALA B 257 -34.11 4.93 -5.52
C ALA B 257 -33.70 3.69 -6.30
N ASP B 258 -32.52 3.73 -6.89
CA ASP B 258 -31.98 2.59 -7.63
C ASP B 258 -30.46 2.54 -7.47
N GLY B 259 -29.97 1.55 -6.73
CA GLY B 259 -28.55 1.38 -6.53
C GLY B 259 -28.03 2.21 -5.36
N TYR B 260 -26.72 2.13 -5.14
CA TYR B 260 -26.08 2.85 -4.03
C TYR B 260 -25.14 3.93 -4.53
N ILE B 261 -25.02 5.01 -3.76
CA ILE B 261 -24.07 6.07 -4.06
C ILE B 261 -23.08 6.23 -2.90
N VAL B 262 -21.81 6.41 -3.23
CA VAL B 262 -20.79 6.64 -2.23
C VAL B 262 -20.46 8.12 -2.15
N ILE B 263 -20.77 8.74 -1.01
CA ILE B 263 -20.64 10.18 -0.85
C ILE B 263 -19.70 10.55 0.30
N SER B 264 -18.80 11.49 0.02
CA SER B 264 -17.93 12.05 1.05
C SER B 264 -18.01 13.57 1.06
N ALA B 265 -18.66 14.12 2.09
CA ALA B 265 -18.86 15.55 2.18
C ALA B 265 -19.03 15.98 3.64
N TYR B 266 -17.96 15.86 4.42
CA TYR B 266 -18.03 16.14 5.85
C TYR B 266 -17.57 17.55 6.23
N VAL B 267 -16.75 18.17 5.37
CA VAL B 267 -16.34 19.55 5.61
C VAL B 267 -17.56 20.46 5.47
N PRO B 268 -17.65 21.51 6.31
CA PRO B 268 -18.82 22.39 6.37
C PRO B 268 -19.30 22.92 5.01
N LYS B 269 -18.38 23.25 4.11
CA LYS B 269 -18.76 23.75 2.79
C LYS B 269 -19.48 22.68 1.97
N HIS B 270 -18.91 21.48 1.93
CA HIS B 270 -19.51 20.38 1.18
C HIS B 270 -20.77 19.84 1.84
N TRP B 271 -20.74 19.73 3.16
CA TRP B 271 -21.88 19.24 3.93
C TRP B 271 -23.11 20.08 3.68
N GLN B 272 -22.89 21.38 3.63
CA GLN B 272 -23.97 22.33 3.37
C GLN B 272 -24.49 22.25 1.93
N LYS B 273 -23.57 22.18 0.97
CA LYS B 273 -23.93 22.09 -0.44
C LYS B 273 -24.70 20.80 -0.70
N LEU B 274 -24.30 19.75 0.00
CA LEU B 274 -24.97 18.46 -0.12
C LEU B 274 -26.43 18.53 0.32
N CYS B 275 -26.67 19.16 1.47
CA CYS B 275 -28.03 19.28 2.01
C CYS B 275 -28.95 20.08 1.09
N TYR B 276 -28.40 21.07 0.41
CA TYR B 276 -29.16 21.89 -0.52
C TYR B 276 -29.53 21.11 -1.78
N LEU B 277 -28.56 20.37 -2.30
CA LEU B 277 -28.74 19.61 -3.53
C LEU B 277 -29.77 18.49 -3.37
N ILE B 278 -29.86 17.91 -2.18
CA ILE B 278 -30.81 16.85 -1.92
C ILE B 278 -32.13 17.40 -1.40
N GLY B 279 -32.21 18.72 -1.30
CA GLY B 279 -33.43 19.39 -0.90
C GLY B 279 -33.72 19.29 0.59
N ARG B 280 -32.67 19.30 1.41
CA ARG B 280 -32.84 19.24 2.86
C ARG B 280 -32.03 20.33 3.56
N PRO B 281 -32.45 21.60 3.43
CA PRO B 281 -31.76 22.70 4.09
C PRO B 281 -31.88 22.63 5.61
N ASP B 282 -32.92 21.97 6.10
CA ASP B 282 -33.16 21.83 7.53
C ASP B 282 -32.04 21.06 8.23
N LEU B 283 -31.43 20.13 7.52
CA LEU B 283 -30.37 19.29 8.08
C LEU B 283 -29.14 20.12 8.46
N VAL B 284 -28.94 21.22 7.75
CA VAL B 284 -27.78 22.08 7.96
C VAL B 284 -27.76 22.64 9.38
N GLU B 285 -28.92 23.12 9.84
CA GLU B 285 -29.01 23.74 11.15
C GLU B 285 -29.64 22.80 12.18
N ASP B 286 -29.84 21.54 11.77
CA ASP B 286 -30.39 20.52 12.67
C ASP B 286 -29.41 20.23 13.81
N GLN B 287 -29.91 20.27 15.03
CA GLN B 287 -29.08 20.15 16.23
C GLN B 287 -28.29 18.85 16.27
N ARG B 288 -28.86 17.78 15.72
CA ARG B 288 -28.18 16.49 15.68
C ARG B 288 -26.98 16.50 14.72
N PHE B 289 -27.09 17.25 13.63
CA PHE B 289 -26.08 17.20 12.59
C PHE B 289 -25.43 18.56 12.30
N ALA B 290 -25.71 19.55 13.14
CA ALA B 290 -25.20 20.91 12.93
C ALA B 290 -23.67 20.96 12.95
N GLU B 291 -23.07 20.27 13.91
CA GLU B 291 -21.62 20.25 14.03
C GLU B 291 -21.03 18.99 13.42
N GLN B 292 -19.77 19.07 13.01
CA GLN B 292 -19.10 17.93 12.37
C GLN B 292 -18.93 16.76 13.33
N ARG B 293 -18.57 17.08 14.57
CA ARG B 293 -18.42 16.07 15.60
C ARG B 293 -19.79 15.46 15.95
N SER B 294 -20.84 16.27 15.80
CA SER B 294 -22.19 15.83 16.08
C SER B 294 -22.70 14.83 15.04
N ARG B 295 -22.31 15.02 13.77
CA ARG B 295 -22.73 14.12 12.71
C ARG B 295 -22.18 12.72 12.92
N SER B 296 -20.93 12.66 13.39
CA SER B 296 -20.25 11.38 13.60
C SER B 296 -20.93 10.56 14.70
N ILE B 297 -21.33 11.23 15.76
CA ILE B 297 -22.00 10.58 16.88
C ILE B 297 -23.37 10.05 16.47
N ASN B 298 -24.11 10.88 15.75
CA ASN B 298 -25.45 10.53 15.31
C ASN B 298 -25.47 10.03 13.86
N TYR B 299 -24.51 9.16 13.53
CA TYR B 299 -24.38 8.66 12.17
C TYR B 299 -25.59 7.82 11.73
N ALA B 300 -26.18 7.11 12.68
CA ALA B 300 -27.32 6.24 12.38
C ALA B 300 -28.52 7.04 11.92
N GLU B 301 -28.85 8.10 12.65
CA GLU B 301 -29.96 8.97 12.29
C GLU B 301 -29.65 9.78 11.03
N LEU B 302 -28.39 10.17 10.87
CA LEU B 302 -27.97 10.92 9.69
C LEU B 302 -28.15 10.08 8.43
N THR B 303 -27.79 8.80 8.51
CA THR B 303 -27.94 7.89 7.39
C THR B 303 -29.40 7.74 6.98
N ALA B 304 -30.26 7.62 7.99
CA ALA B 304 -31.70 7.49 7.75
C ALA B 304 -32.27 8.74 7.07
N GLU B 305 -31.86 9.91 7.55
CA GLU B 305 -32.33 11.17 6.98
C GLU B 305 -31.85 11.36 5.54
N LEU B 306 -30.58 11.06 5.30
CA LEU B 306 -30.00 11.22 3.96
C LEU B 306 -30.64 10.28 2.96
N GLU B 307 -30.81 9.02 3.35
CA GLU B 307 -31.39 8.01 2.46
C GLU B 307 -32.86 8.30 2.17
N LEU B 308 -33.52 9.00 3.08
CA LEU B 308 -34.89 9.45 2.88
C LEU B 308 -34.96 10.45 1.73
N ALA B 309 -34.00 11.35 1.68
CA ALA B 309 -33.94 12.37 0.64
C ALA B 309 -33.44 11.79 -0.68
N LEU B 310 -32.52 10.86 -0.60
CA LEU B 310 -31.92 10.25 -1.80
C LEU B 310 -32.87 9.30 -2.50
N ALA B 311 -34.02 9.03 -1.88
CA ALA B 311 -35.03 8.13 -2.45
C ALA B 311 -35.68 8.74 -3.70
N SER B 312 -35.53 10.04 -3.86
CA SER B 312 -36.14 10.76 -4.99
C SER B 312 -35.52 10.37 -6.33
N LYS B 313 -34.20 10.17 -6.35
CA LYS B 313 -33.49 9.90 -7.59
C LYS B 313 -32.65 8.63 -7.50
N THR B 314 -32.28 8.09 -8.66
CA THR B 314 -31.40 6.93 -8.73
C THR B 314 -29.98 7.34 -8.40
N ALA B 315 -29.13 6.36 -8.12
CA ALA B 315 -27.73 6.64 -7.75
C ALA B 315 -26.98 7.30 -8.89
N THR B 316 -27.27 6.89 -10.12
CA THR B 316 -26.63 7.46 -11.30
C THR B 316 -26.99 8.93 -11.46
N GLU B 317 -28.26 9.25 -11.17
CA GLU B 317 -28.74 10.62 -11.25
C GLU B 317 -28.09 11.49 -10.18
N TRP B 318 -27.96 10.94 -8.97
CA TRP B 318 -27.35 11.67 -7.86
C TRP B 318 -25.87 11.95 -8.12
N VAL B 319 -25.17 10.96 -8.67
CA VAL B 319 -23.73 11.08 -8.93
C VAL B 319 -23.46 12.23 -9.90
N GLN B 320 -24.26 12.30 -10.97
CA GLN B 320 -24.09 13.34 -11.97
C GLN B 320 -24.37 14.73 -11.40
N LEU B 321 -25.37 14.81 -10.52
CA LEU B 321 -25.72 16.06 -9.88
C LEU B 321 -24.64 16.55 -8.93
N LEU B 322 -24.14 15.65 -8.09
CA LEU B 322 -23.13 16.01 -7.09
C LEU B 322 -21.78 16.31 -7.71
N GLN B 323 -21.40 15.52 -8.71
CA GLN B 323 -20.12 15.71 -9.39
C GLN B 323 -20.08 17.04 -10.14
N ALA B 324 -21.21 17.40 -10.74
CA ALA B 324 -21.33 18.67 -11.44
C ALA B 324 -21.17 19.85 -10.48
N ASN B 325 -21.60 19.65 -9.24
CA ASN B 325 -21.49 20.69 -8.21
C ASN B 325 -20.18 20.58 -7.42
N GLY B 326 -19.29 19.70 -7.86
CA GLY B 326 -17.96 19.61 -7.29
C GLY B 326 -17.86 18.76 -6.03
N LEU B 327 -18.93 18.06 -5.68
CA LEU B 327 -18.91 17.19 -4.52
C LEU B 327 -18.30 15.83 -4.84
N MET B 328 -17.76 15.17 -3.83
CA MET B 328 -17.11 13.89 -4.00
C MET B 328 -18.12 12.76 -3.91
N ALA B 329 -18.44 12.17 -5.06
CA ALA B 329 -19.42 11.09 -5.10
C ALA B 329 -19.18 10.18 -6.30
N CYS B 330 -19.58 8.91 -6.17
CA CYS B 330 -19.40 7.94 -7.24
C CYS B 330 -20.25 6.69 -7.00
N LEU B 331 -20.27 5.80 -7.99
CA LEU B 331 -20.91 4.51 -7.85
C LEU B 331 -19.88 3.51 -7.33
N ALA B 332 -20.32 2.47 -6.62
CA ALA B 332 -19.42 1.45 -6.21
C ALA B 332 -19.36 0.42 -7.30
N HIS B 333 -18.33 0.49 -8.11
CA HIS B 333 -18.16 -0.42 -9.20
C HIS B 333 -17.67 -1.80 -8.87
N THR B 334 -18.08 -2.76 -9.67
CA THR B 334 -17.43 -4.06 -9.58
C THR B 334 -16.17 -4.07 -10.42
N TRP B 335 -15.39 -5.12 -10.27
CA TRP B 335 -14.18 -5.30 -11.03
C TRP B 335 -14.49 -5.37 -12.50
N LYS B 336 -15.56 -6.04 -12.87
CA LYS B 336 -15.94 -6.12 -14.26
C LYS B 336 -16.27 -4.75 -14.79
N GLN B 337 -16.97 -3.95 -14.04
CA GLN B 337 -17.32 -2.61 -14.45
C GLN B 337 -16.14 -1.66 -14.56
N VAL B 338 -15.23 -1.77 -13.64
CA VAL B 338 -14.11 -0.86 -13.56
C VAL B 338 -13.23 -0.87 -14.77
N VAL B 339 -12.91 -2.04 -15.26
CA VAL B 339 -12.04 -2.14 -16.44
C VAL B 339 -12.70 -1.55 -17.67
N ASP B 340 -14.02 -1.45 -17.69
CA ASP B 340 -14.75 -0.89 -18.82
C ASP B 340 -15.04 0.60 -18.70
N THR B 341 -14.67 1.25 -17.60
CA THR B 341 -14.99 2.65 -17.42
C THR B 341 -14.10 3.55 -18.29
N PRO B 342 -14.58 4.75 -18.63
CA PRO B 342 -13.72 5.68 -19.36
C PRO B 342 -12.49 6.11 -18.56
N LEU B 343 -12.64 6.26 -17.25
CA LEU B 343 -11.52 6.67 -16.40
C LEU B 343 -10.39 5.65 -16.46
N PHE B 344 -10.74 4.36 -16.43
CA PHE B 344 -9.72 3.32 -16.48
C PHE B 344 -8.89 3.39 -17.76
N ALA B 345 -9.56 3.53 -18.91
CA ALA B 345 -8.83 3.64 -20.16
C ALA B 345 -8.04 4.93 -20.23
N GLU B 346 -8.56 6.00 -19.61
CA GLU B 346 -7.90 7.30 -19.66
C GLU B 346 -6.53 7.26 -18.99
N ASN B 347 -6.34 6.42 -17.99
CA ASN B 347 -5.12 6.41 -17.20
C ASN B 347 -4.05 5.46 -17.74
N ASP B 348 -4.30 4.80 -18.87
CA ASP B 348 -3.32 3.95 -19.55
C ASP B 348 -2.74 2.90 -18.60
N LEU B 349 -3.62 2.19 -17.91
CA LEU B 349 -3.21 1.27 -16.86
C LEU B 349 -2.72 -0.10 -17.38
N THR B 350 -2.99 -0.46 -18.63
CA THR B 350 -2.72 -1.81 -19.10
C THR B 350 -1.62 -1.86 -20.16
N LEU B 351 -0.95 -3.02 -20.23
CA LEU B 351 0.06 -3.30 -21.26
C LEU B 351 -0.03 -4.78 -21.65
N GLU B 352 0.37 -5.07 -22.88
CA GLU B 352 0.29 -6.43 -23.43
C GLU B 352 1.67 -7.09 -23.47
N VAL B 353 1.74 -8.32 -23.01
CA VAL B 353 2.98 -9.03 -23.07
C VAL B 353 2.79 -10.37 -23.76
N GLY B 354 3.72 -10.74 -24.62
CA GLY B 354 3.65 -11.98 -25.36
C GLY B 354 3.45 -11.76 -26.83
N ARG B 355 3.79 -12.76 -27.65
CA ARG B 355 3.66 -12.68 -29.12
C ARG B 355 2.32 -12.66 -29.87
N GLY B 356 1.39 -13.55 -29.54
CA GLY B 356 0.12 -13.58 -30.24
C GLY B 356 -0.96 -14.28 -29.46
N ALA B 357 -1.03 -15.60 -29.56
CA ALA B 357 -2.06 -16.33 -28.81
C ALA B 357 -1.77 -16.15 -27.37
N ASP B 358 -0.51 -16.30 -26.99
CA ASP B 358 -0.12 -16.07 -25.64
C ASP B 358 0.24 -14.61 -25.44
N THR B 359 -0.75 -13.71 -25.52
CA THR B 359 -0.55 -12.31 -25.23
C THR B 359 -1.49 -12.06 -24.13
N ILE B 360 -0.99 -11.49 -23.06
CA ILE B 360 -1.82 -11.23 -21.92
C ILE B 360 -1.77 -9.78 -21.58
N THR B 361 -2.89 -9.24 -21.15
CA THR B 361 -2.95 -7.89 -20.71
C THR B 361 -2.68 -7.87 -19.23
N VAL B 362 -1.76 -7.03 -18.79
CA VAL B 362 -1.42 -6.89 -17.38
C VAL B 362 -1.53 -5.41 -17.01
N ILE B 363 -1.60 -5.15 -15.70
CA ILE B 363 -1.68 -3.80 -15.17
C ILE B 363 -0.27 -3.33 -14.82
N ARG B 364 0.06 -2.10 -15.20
CA ARG B 364 1.36 -1.52 -14.95
C ARG B 364 1.50 -1.12 -13.48
N THR B 365 2.74 -0.83 -13.07
CA THR B 365 2.97 -0.24 -11.77
C THR B 365 2.51 1.22 -11.75
N PRO B 366 2.08 1.73 -10.59
CA PRO B 366 1.34 3.00 -10.56
C PRO B 366 2.16 4.26 -10.77
N ALA B 367 3.37 4.35 -10.22
CA ALA B 367 4.14 5.59 -10.31
C ALA B 367 4.52 5.89 -11.76
N ARG B 368 4.30 7.13 -12.18
CA ARG B 368 4.57 7.60 -13.53
C ARG B 368 5.69 8.64 -13.49
N TYR B 369 6.50 8.66 -14.55
CA TYR B 369 7.62 9.58 -14.64
C TYR B 369 7.61 10.28 -16.00
N ALA B 370 8.03 11.54 -16.00
CA ALA B 370 7.98 12.34 -17.22
C ALA B 370 9.13 12.03 -18.18
N SER B 371 10.32 11.75 -17.64
CA SER B 371 11.51 11.63 -18.46
C SER B 371 11.80 10.21 -18.91
N PHE B 372 10.99 9.24 -18.51
CA PHE B 372 11.13 7.87 -19.00
C PHE B 372 9.81 7.14 -18.78
N ARG B 373 9.71 5.94 -19.32
CA ARG B 373 8.53 5.12 -19.17
C ARG B 373 8.81 3.99 -18.22
N ALA B 374 8.10 3.94 -17.11
CA ALA B 374 8.33 2.92 -16.08
C ALA B 374 7.53 1.66 -16.40
N VAL B 375 7.90 1.04 -17.49
CA VAL B 375 7.22 -0.15 -17.89
C VAL B 375 8.13 -0.99 -18.76
N VAL B 376 7.92 -2.28 -18.78
CA VAL B 376 8.70 -3.16 -19.61
C VAL B 376 7.73 -4.06 -20.35
N THR B 377 7.95 -4.24 -21.63
CA THR B 377 7.07 -5.10 -22.42
C THR B 377 7.61 -6.52 -22.57
N ASP B 378 8.85 -6.78 -22.17
CA ASP B 378 9.40 -8.11 -22.27
C ASP B 378 8.62 -9.07 -21.38
N PRO B 379 8.41 -10.30 -21.80
CA PRO B 379 7.62 -11.26 -20.98
C PRO B 379 8.47 -11.85 -19.87
N PRO B 380 7.87 -12.57 -18.92
CA PRO B 380 8.68 -13.21 -17.87
C PRO B 380 9.56 -14.27 -18.45
N PRO B 381 10.71 -14.55 -17.85
CA PRO B 381 11.61 -15.59 -18.35
C PRO B 381 11.12 -16.99 -18.02
N THR B 382 11.56 -17.94 -18.84
CA THR B 382 11.40 -19.35 -18.47
C THR B 382 12.34 -19.67 -17.32
N ALA B 383 11.98 -20.69 -16.55
CA ALA B 383 12.77 -21.05 -15.37
C ALA B 383 14.18 -21.47 -15.77
N GLY B 384 15.17 -20.83 -15.16
CA GLY B 384 16.56 -21.13 -15.48
C GLY B 384 17.01 -20.66 -16.85
N GLU B 385 16.28 -19.73 -17.46
CA GLU B 385 16.59 -19.29 -18.83
C GLU B 385 18.03 -18.81 -18.96
N HIS B 386 18.56 -18.16 -17.93
CA HIS B 386 19.88 -17.53 -17.99
C HIS B 386 20.92 -18.27 -17.14
N ASN B 387 20.73 -19.58 -16.94
CA ASN B 387 21.69 -20.36 -16.16
C ASN B 387 23.09 -20.31 -16.76
N ALA B 388 23.20 -20.37 -18.09
CA ALA B 388 24.51 -20.32 -18.74
C ALA B 388 25.18 -18.98 -18.49
N VAL B 389 24.42 -17.88 -18.51
CA VAL B 389 25.00 -16.56 -18.38
C VAL B 389 25.58 -16.30 -16.99
N PHE B 390 24.84 -16.70 -15.93
CA PHE B 390 25.14 -16.22 -14.59
C PHE B 390 25.79 -17.24 -13.65
N LEU B 391 25.61 -18.54 -13.88
CA LEU B 391 26.18 -19.54 -12.99
C LEU B 391 27.61 -19.87 -13.43
N ALA B 392 28.56 -19.65 -12.53
CA ALA B 392 29.95 -20.01 -12.79
C ALA B 392 30.10 -21.51 -12.97
N ARG B 393 31.05 -21.89 -13.81
CA ARG B 393 31.31 -23.30 -14.12
C ARG B 393 31.81 -24.05 -12.90
CL CL C . -3.58 7.50 -23.09
#